data_1FHY
# 
_entry.id   1FHY 
# 
_audit_conform.dict_name       mmcif_pdbx.dic 
_audit_conform.dict_version    5.386 
_audit_conform.dict_location   http://mmcif.pdb.org/dictionaries/ascii/mmcif_pdbx.dic 
# 
loop_
_database_2.database_id 
_database_2.database_code 
_database_2.pdbx_database_accession 
_database_2.pdbx_DOI 
PDB   1FHY         pdb_00001fhy 10.2210/pdb1fhy/pdb 
NDB   DD0030       ?            ?                   
RCSB  RCSB011604   ?            ?                   
WWPDB D_1000011604 ?            ?                   
# 
loop_
_pdbx_audit_revision_history.ordinal 
_pdbx_audit_revision_history.data_content_type 
_pdbx_audit_revision_history.major_revision 
_pdbx_audit_revision_history.minor_revision 
_pdbx_audit_revision_history.revision_date 
1 'Structure model' 1 0 2001-04-21 
2 'Structure model' 1 1 2008-04-27 
3 'Structure model' 1 2 2011-07-13 
4 'Structure model' 1 3 2024-02-07 
# 
_pdbx_audit_revision_details.ordinal             1 
_pdbx_audit_revision_details.revision_ordinal    1 
_pdbx_audit_revision_details.data_content_type   'Structure model' 
_pdbx_audit_revision_details.provider            repository 
_pdbx_audit_revision_details.type                'Initial release' 
_pdbx_audit_revision_details.description         ? 
_pdbx_audit_revision_details.details             ? 
# 
loop_
_pdbx_audit_revision_group.ordinal 
_pdbx_audit_revision_group.revision_ordinal 
_pdbx_audit_revision_group.data_content_type 
_pdbx_audit_revision_group.group 
1 2 'Structure model' 'Version format compliance' 
2 3 'Structure model' 'Version format compliance' 
3 4 'Structure model' 'Data collection'           
4 4 'Structure model' 'Database references'       
5 4 'Structure model' 'Derived calculations'      
# 
loop_
_pdbx_audit_revision_category.ordinal 
_pdbx_audit_revision_category.revision_ordinal 
_pdbx_audit_revision_category.data_content_type 
_pdbx_audit_revision_category.category 
1 4 'Structure model' chem_comp_atom         
2 4 'Structure model' chem_comp_bond         
3 4 'Structure model' database_2             
4 4 'Structure model' pdbx_struct_conn_angle 
5 4 'Structure model' struct_conn            
6 4 'Structure model' struct_site            
# 
loop_
_pdbx_audit_revision_item.ordinal 
_pdbx_audit_revision_item.revision_ordinal 
_pdbx_audit_revision_item.data_content_type 
_pdbx_audit_revision_item.item 
1  4 'Structure model' '_database_2.pdbx_DOI'                        
2  4 'Structure model' '_database_2.pdbx_database_accession'         
3  4 'Structure model' '_pdbx_struct_conn_angle.ptnr1_auth_asym_id'  
4  4 'Structure model' '_pdbx_struct_conn_angle.ptnr1_auth_comp_id'  
5  4 'Structure model' '_pdbx_struct_conn_angle.ptnr1_auth_seq_id'   
6  4 'Structure model' '_pdbx_struct_conn_angle.ptnr1_label_asym_id' 
7  4 'Structure model' '_pdbx_struct_conn_angle.ptnr1_label_atom_id' 
8  4 'Structure model' '_pdbx_struct_conn_angle.ptnr1_label_comp_id' 
9  4 'Structure model' '_pdbx_struct_conn_angle.ptnr1_label_seq_id'  
10 4 'Structure model' '_pdbx_struct_conn_angle.ptnr1_symmetry'      
11 4 'Structure model' '_pdbx_struct_conn_angle.ptnr3_auth_asym_id'  
12 4 'Structure model' '_pdbx_struct_conn_angle.ptnr3_auth_comp_id'  
13 4 'Structure model' '_pdbx_struct_conn_angle.ptnr3_auth_seq_id'   
14 4 'Structure model' '_pdbx_struct_conn_angle.ptnr3_label_asym_id' 
15 4 'Structure model' '_pdbx_struct_conn_angle.ptnr3_label_atom_id' 
16 4 'Structure model' '_pdbx_struct_conn_angle.ptnr3_label_comp_id' 
17 4 'Structure model' '_pdbx_struct_conn_angle.ptnr3_label_seq_id'  
18 4 'Structure model' '_pdbx_struct_conn_angle.ptnr3_symmetry'      
19 4 'Structure model' '_pdbx_struct_conn_angle.value'               
20 4 'Structure model' '_struct_conn.pdbx_dist_value'                
21 4 'Structure model' '_struct_conn.pdbx_leaving_atom_flag'         
22 4 'Structure model' '_struct_conn.ptnr1_auth_asym_id'             
23 4 'Structure model' '_struct_conn.ptnr1_auth_comp_id'             
24 4 'Structure model' '_struct_conn.ptnr1_auth_seq_id'              
25 4 'Structure model' '_struct_conn.ptnr1_label_asym_id'            
26 4 'Structure model' '_struct_conn.ptnr1_label_atom_id'            
27 4 'Structure model' '_struct_conn.ptnr1_label_comp_id'            
28 4 'Structure model' '_struct_conn.ptnr1_label_seq_id'             
29 4 'Structure model' '_struct_conn.ptnr1_symmetry'                 
30 4 'Structure model' '_struct_conn.ptnr2_auth_asym_id'             
31 4 'Structure model' '_struct_conn.ptnr2_auth_comp_id'             
32 4 'Structure model' '_struct_conn.ptnr2_auth_seq_id'              
33 4 'Structure model' '_struct_conn.ptnr2_label_asym_id'            
34 4 'Structure model' '_struct_conn.ptnr2_label_atom_id'            
35 4 'Structure model' '_struct_conn.ptnr2_label_comp_id'            
36 4 'Structure model' '_struct_conn.ptnr2_label_seq_id'             
37 4 'Structure model' '_struct_conn.ptnr2_symmetry'                 
38 4 'Structure model' '_struct_site.pdbx_auth_asym_id'              
39 4 'Structure model' '_struct_site.pdbx_auth_comp_id'              
40 4 'Structure model' '_struct_site.pdbx_auth_seq_id'               
# 
_pdbx_database_status.status_code                     REL 
_pdbx_database_status.entry_id                        1FHY 
_pdbx_database_status.recvd_initial_deposition_date   2000-08-02 
_pdbx_database_status.deposit_site                    NDB 
_pdbx_database_status.process_site                    NDB 
_pdbx_database_status.status_code_sf                  REL 
_pdbx_database_status.SG_entry                        . 
_pdbx_database_status.pdb_format_compatible           Y 
_pdbx_database_status.status_code_mr                  ? 
_pdbx_database_status.status_code_cs                  ? 
_pdbx_database_status.status_code_nmr_data            ? 
_pdbx_database_status.methods_development_category    ? 
# 
_pdbx_database_related.db_name        NDB 
_pdbx_database_related.db_id          bd0028 
_pdbx_database_related.details        'native d(CCGCTAGCGG)' 
_pdbx_database_related.content_type   unspecified 
# 
loop_
_audit_author.name 
_audit_author.pdbx_ordinal 
'Eichman, B.F.'  1 
'Mooers, B.H.M.' 2 
'Alberti, M.'    3 
'Hearst, J.E.'   4 
'Ho, P.S.'       5 
# 
loop_
_citation.id 
_citation.title 
_citation.journal_abbrev 
_citation.journal_volume 
_citation.page_first 
_citation.page_last 
_citation.year 
_citation.journal_id_ASTM 
_citation.country 
_citation.journal_id_ISSN 
_citation.journal_id_CSD 
_citation.book_publisher 
_citation.pdbx_database_id_PubMed 
_citation.pdbx_database_id_DOI 
primary 'The crystal structures of psoralen cross-linked DNAs: drug-dependent formation of Holliday junctions.'             
J.Mol.Biol.            308 15   26   2001 JMOBAK UK 0022-2836 0070 ? 11302703 10.1006/jmbi.2001.4567 
1       'The Holliday junction in an inverted repeat DNA sequence: Sequence effects on the structure of four-way junctions' 
Proc.Natl.Acad.Sci.USA 97  3971 3976 2000 PNASA6 US 0027-8424 0040 ? ?        10.1073/pnas.97.8.3971 
# 
loop_
_citation_author.citation_id 
_citation_author.name 
_citation_author.ordinal 
_citation_author.identifier_ORCID 
primary 'Eichman, B.F.'  1 ? 
primary 'Mooers, B.H.'   2 ? 
primary 'Alberti, M.'    3 ? 
primary 'Hearst, J.E.'   4 ? 
primary 'Ho, P.S.'       5 ? 
1       'Eichman, B.F.'  6 ? 
1       'Vargason, J.M.' 7 ? 
1       'Mooers, B.H.M.' 8 ? 
1       'Ho, P.S.'       9 ? 
# 
loop_
_entity.id 
_entity.type 
_entity.src_method 
_entity.pdbx_description 
_entity.formula_weight 
_entity.pdbx_number_of_molecules 
_entity.pdbx_ec 
_entity.pdbx_mutation 
_entity.pdbx_fragment 
_entity.details 
1 polymer     syn 
;DNA (5'-D(*CP*CP*GP*CP*TP*AP*GP*CP*GP*G)-3')
;
3045.993 2  ? ? ? 'DNA IS CROSS-LINKED BY PSORALEN' 
2 non-polymer syn "4'-HYDROXYMETHYL-4,5',8-TRIMETHYLPSORALEN"    258.269  1  ? ? ? ?                                 
3 non-polymer syn 'CALCIUM ION'                                  40.078   1  ? ? ? ?                                 
4 water       nat water                                          18.015   26 ? ? ? ?                                 
# 
_entity_poly.entity_id                      1 
_entity_poly.type                           polydeoxyribonucleotide 
_entity_poly.nstd_linkage                   no 
_entity_poly.nstd_monomer                   no 
_entity_poly.pdbx_seq_one_letter_code       '(DC)(DC)(DG)(DC)(DT)(DA)(DG)(DC)(DG)(DG)' 
_entity_poly.pdbx_seq_one_letter_code_can   CCGCTAGCGG 
_entity_poly.pdbx_strand_id                 A,B 
_entity_poly.pdbx_target_identifier         ? 
# 
loop_
_pdbx_entity_nonpoly.entity_id 
_pdbx_entity_nonpoly.name 
_pdbx_entity_nonpoly.comp_id 
2 "4'-HYDROXYMETHYL-4,5',8-TRIMETHYLPSORALEN" PSO 
3 'CALCIUM ION'                               CA  
4 water                                       HOH 
# 
loop_
_entity_poly_seq.entity_id 
_entity_poly_seq.num 
_entity_poly_seq.mon_id 
_entity_poly_seq.hetero 
1 1  DC n 
1 2  DC n 
1 3  DG n 
1 4  DC n 
1 5  DT n 
1 6  DA n 
1 7  DG n 
1 8  DC n 
1 9  DG n 
1 10 DG n 
# 
loop_
_chem_comp.id 
_chem_comp.type 
_chem_comp.mon_nstd_flag 
_chem_comp.name 
_chem_comp.pdbx_synonyms 
_chem_comp.formula 
_chem_comp.formula_weight 
CA  non-polymer   . 'CALCIUM ION'                               ? 'Ca 2'            40.078  
DA  'DNA linking' y "2'-DEOXYADENOSINE-5'-MONOPHOSPHATE"        ? 'C10 H14 N5 O6 P' 331.222 
DC  'DNA linking' y "2'-DEOXYCYTIDINE-5'-MONOPHOSPHATE"         ? 'C9 H14 N3 O7 P'  307.197 
DG  'DNA linking' y "2'-DEOXYGUANOSINE-5'-MONOPHOSPHATE"        ? 'C10 H14 N5 O7 P' 347.221 
DT  'DNA linking' y "THYMIDINE-5'-MONOPHOSPHATE"                ? 'C10 H15 N2 O8 P' 322.208 
HOH non-polymer   . WATER                                       ? 'H2 O'            18.015  
PSO non-polymer   . "4'-HYDROXYMETHYL-4,5',8-TRIMETHYLPSORALEN" ? 'C15 H14 O4'      258.269 
# 
loop_
_pdbx_poly_seq_scheme.asym_id 
_pdbx_poly_seq_scheme.entity_id 
_pdbx_poly_seq_scheme.seq_id 
_pdbx_poly_seq_scheme.mon_id 
_pdbx_poly_seq_scheme.ndb_seq_num 
_pdbx_poly_seq_scheme.pdb_seq_num 
_pdbx_poly_seq_scheme.auth_seq_num 
_pdbx_poly_seq_scheme.pdb_mon_id 
_pdbx_poly_seq_scheme.auth_mon_id 
_pdbx_poly_seq_scheme.pdb_strand_id 
_pdbx_poly_seq_scheme.pdb_ins_code 
_pdbx_poly_seq_scheme.hetero 
A 1 1  DC 1  1  1  DC C A . n 
A 1 2  DC 2  2  2  DC C A . n 
A 1 3  DG 3  3  3  DG G A . n 
A 1 4  DC 4  4  4  DC C A . n 
A 1 5  DT 5  5  5  DT T A . n 
A 1 6  DA 6  6  6  DA A A . n 
A 1 7  DG 7  7  7  DG G A . n 
A 1 8  DC 8  8  8  DC C A . n 
A 1 9  DG 9  9  9  DG G A . n 
A 1 10 DG 10 10 10 DG G A . n 
B 1 1  DC 1  11 11 DC C B . n 
B 1 2  DC 2  12 12 DC C B . n 
B 1 3  DG 3  13 13 DG G B . n 
B 1 4  DC 4  14 14 DC C B . n 
B 1 5  DT 5  15 15 DT T B . n 
B 1 6  DA 6  16 16 DA A B . n 
B 1 7  DG 7  17 17 DG G B . n 
B 1 8  DC 8  18 18 DC C B . n 
B 1 9  DG 9  19 19 DG G B . n 
B 1 10 DG 10 20 20 DG G B . n 
# 
loop_
_pdbx_nonpoly_scheme.asym_id 
_pdbx_nonpoly_scheme.entity_id 
_pdbx_nonpoly_scheme.mon_id 
_pdbx_nonpoly_scheme.ndb_seq_num 
_pdbx_nonpoly_scheme.pdb_seq_num 
_pdbx_nonpoly_scheme.auth_seq_num 
_pdbx_nonpoly_scheme.pdb_mon_id 
_pdbx_nonpoly_scheme.auth_mon_id 
_pdbx_nonpoly_scheme.pdb_strand_id 
_pdbx_nonpoly_scheme.pdb_ins_code 
C 2 PSO 1  21 21 PSO PSO A . 
D 3 CA  1  22 22 CA  CA  B . 
E 4 HOH 1  24 24 HOH HOH A . 
E 4 HOH 2  25 25 HOH HOH A . 
E 4 HOH 3  26 26 HOH HOH A . 
E 4 HOH 4  31 31 HOH HOH A . 
E 4 HOH 5  34 34 HOH HOH A . 
E 4 HOH 6  35 35 HOH HOH A . 
E 4 HOH 7  36 36 HOH HOH A . 
E 4 HOH 8  37 37 HOH HOH A . 
E 4 HOH 9  39 39 HOH HOH A . 
E 4 HOH 10 41 41 HOH HOH A . 
E 4 HOH 11 44 44 HOH HOH A . 
F 4 HOH 1  23 23 HOH HOH B . 
F 4 HOH 2  27 27 HOH HOH B . 
F 4 HOH 3  28 28 HOH HOH B . 
F 4 HOH 4  29 29 HOH HOH B . 
F 4 HOH 5  30 30 HOH HOH B . 
F 4 HOH 6  32 32 HOH HOH B . 
F 4 HOH 7  33 33 HOH HOH B . 
F 4 HOH 8  38 38 HOH HOH B . 
F 4 HOH 9  40 40 HOH HOH B . 
F 4 HOH 10 42 42 HOH HOH B . 
F 4 HOH 11 43 43 HOH HOH B . 
F 4 HOH 12 45 45 HOH HOH B . 
F 4 HOH 13 46 46 HOH HOH B . 
F 4 HOH 14 47 47 HOH HOH B . 
F 4 HOH 15 48 48 HOH HOH B . 
# 
loop_
_software.name 
_software.classification 
_software.version 
_software.citation_id 
_software.pdbx_ordinal 
EPMR      phasing          .     ? 1 
X-PLOR    refinement       3.851 ? 2 
DENZO     'data reduction' .     ? 3 
SCALEPACK 'data scaling'   .     ? 4 
# 
_cell.entry_id           1FHY 
_cell.length_a           70.674 
_cell.length_b           23.769 
_cell.length_c           44.339 
_cell.angle_alpha        90.00 
_cell.angle_beta         130.11 
_cell.angle_gamma        90.00 
_cell.Z_PDB              8 
_cell.pdbx_unique_axis   ? 
# 
_symmetry.entry_id                         1FHY 
_symmetry.space_group_name_H-M             'C 1 2 1' 
_symmetry.pdbx_full_space_group_name_H-M   ? 
_symmetry.cell_setting                     monoclinic 
_symmetry.Int_Tables_number                5 
# 
_exptl.entry_id          1FHY 
_exptl.method            'X-RAY DIFFRACTION' 
_exptl.crystals_number   1 
# 
_exptl_crystal.id                    1 
_exptl_crystal.density_meas          ? 
_exptl_crystal.density_percent_sol   44.90 
_exptl_crystal.density_Matthews      2.23 
_exptl_crystal.description           ? 
# 
_exptl_crystal_grow.crystal_id      1 
_exptl_crystal_grow.method          'VAPOR DIFFUSION, SITTING DROP' 
_exptl_crystal_grow.pH              7 
_exptl_crystal_grow.temp            277 
_exptl_crystal_grow.temp_details    ? 
_exptl_crystal_grow.pdbx_details    'sodium cacodylate, MgCl2, MPD, pH 7, VAPOR DIFFUSION, SITTING DROP, temperature 277K' 
_exptl_crystal_grow.pdbx_pH_range   ? 
# 
loop_
_exptl_crystal_grow_comp.crystal_id 
_exptl_crystal_grow_comp.id 
_exptl_crystal_grow_comp.sol_id 
_exptl_crystal_grow_comp.name 
_exptl_crystal_grow_comp.conc 
_exptl_crystal_grow_comp.volume 
_exptl_crystal_grow_comp.details 
1 1 1 'sodium cacodylate' ? ? ? 
1 2 1 MgCl2               ? ? ? 
1 3 1 MPD                 ? ? ? 
1 4 2 MgCl2               ? ? ? 
1 5 2 MPD                 ? ? ? 
# 
_diffrn.id                     1 
_diffrn.ambient_temp           298.0 
_diffrn.ambient_temp_details   ? 
_diffrn.crystal_id             1 
# 
_diffrn_detector.diffrn_id              1 
_diffrn_detector.detector               CCD 
_diffrn_detector.type                   'ADSC QUANTUM 4' 
_diffrn_detector.pdbx_collection_date   1999-10-08 
_diffrn_detector.details                ? 
# 
_diffrn_radiation.diffrn_id                        1 
_diffrn_radiation.wavelength_id                    1 
_diffrn_radiation.monochromator                    ? 
_diffrn_radiation.pdbx_monochromatic_or_laue_m_l   M 
_diffrn_radiation.pdbx_diffrn_protocol             'SINGLE WAVELENGTH' 
_diffrn_radiation.pdbx_scattering_type             x-ray 
# 
_diffrn_radiation_wavelength.id           1 
_diffrn_radiation_wavelength.wavelength   1.1 
_diffrn_radiation_wavelength.wt           1.0 
# 
_diffrn_source.diffrn_id                   1 
_diffrn_source.source                      SYNCHROTRON 
_diffrn_source.type                        'ALS BEAMLINE 5.0.2' 
_diffrn_source.pdbx_wavelength             1.1 
_diffrn_source.pdbx_synchrotron_site       ALS 
_diffrn_source.pdbx_synchrotron_beamline   5.0.2 
_diffrn_source.pdbx_wavelength_list        ? 
# 
_reflns.entry_id                     1FHY 
_reflns.observed_criterion_sigma_I   -3 
_reflns.observed_criterion_sigma_F   ? 
_reflns.d_resolution_low             34.65 
_reflns.d_resolution_high            2.20 
_reflns.number_obs                   2937 
_reflns.number_all                   10418 
_reflns.percent_possible_obs         99.2 
_reflns.pdbx_Rmerge_I_obs            0.0590000 
_reflns.pdbx_Rsym_value              ? 
_reflns.pdbx_netI_over_sigmaI        16.9 
_reflns.B_iso_Wilson_estimate        ? 
_reflns.pdbx_redundancy              3.5 
_reflns.R_free_details               ? 
_reflns.pdbx_diffrn_id               1 
_reflns.pdbx_ordinal                 1 
# 
_reflns_shell.d_res_high             2.20 
_reflns_shell.d_res_low              2.28 
_reflns_shell.percent_possible_obs   ? 
_reflns_shell.percent_possible_all   99.3 
_reflns_shell.Rmerge_I_obs           0.0800000 
_reflns_shell.meanI_over_sigI_obs    ? 
_reflns_shell.pdbx_Rsym_value        ? 
_reflns_shell.pdbx_redundancy        3.6 
_reflns_shell.number_unique_all      299 
_reflns_shell.pdbx_diffrn_id         ? 
_reflns_shell.pdbx_ordinal           1 
# 
_refine.entry_id                                 1FHY 
_refine.ls_number_reflns_obs                     2928 
_refine.ls_number_reflns_all                     2928 
_refine.pdbx_ls_sigma_I                          0.0 
_refine.pdbx_ls_sigma_F                          0.0 
_refine.pdbx_data_cutoff_high_absF               ? 
_refine.pdbx_data_cutoff_low_absF                ? 
_refine.ls_d_res_low                             34.65 
_refine.ls_d_res_high                            2.20 
_refine.ls_percent_reflns_obs                    97.7 
_refine.ls_R_factor_obs                          0.2480000 
_refine.ls_R_factor_all                          0.2480000 
_refine.ls_R_factor_R_work                       0.2450000 
_refine.ls_R_factor_R_free                       0.2760000 
_refine.ls_R_factor_R_free_error                 ? 
_refine.ls_R_factor_R_free_error_details         ? 
_refine.ls_percent_reflns_R_free                 10.8 
_refine.ls_number_reflns_R_free                  316 
_refine.ls_number_parameters                     ? 
_refine.ls_number_restraints                     ? 
_refine.occupancy_min                            ? 
_refine.occupancy_max                            ? 
_refine.B_iso_mean                               ? 
_refine.aniso_B[1][1]                            -16.1053 
_refine.aniso_B[2][2]                            28.4940 
_refine.aniso_B[3][3]                            -12.3887 
_refine.aniso_B[1][2]                            0.0000 
_refine.aniso_B[1][3]                            -8.5230 
_refine.aniso_B[2][3]                            0.0000 
_refine.solvent_model_details                    ? 
_refine.solvent_model_param_ksol                 ? 
_refine.solvent_model_param_bsol                 ? 
_refine.pdbx_ls_cross_valid_method               THROUGHOUT 
_refine.details                                  
;ANISOTROPIC B VALUES WERE APPLIED TO FCALC DURING REFINEMENT IN  
ORDER TO SCALE FCALC TO FOBS
;
_refine.pdbx_starting_model                      ? 
_refine.pdbx_method_to_determine_struct          'MOLECULAR REPLACEMENT' 
_refine.pdbx_isotropic_thermal_model             ? 
_refine.pdbx_stereochemistry_target_values       'Parkinson et al.' 
_refine.pdbx_stereochem_target_val_spec_case     ? 
_refine.pdbx_R_Free_selection_details            random 
_refine.pdbx_overall_ESU_R_Free                  ? 
_refine.overall_SU_B                             ? 
_refine.ls_redundancy_reflns_obs                 ? 
_refine.overall_SU_ML                            ? 
_refine.pdbx_overall_ESU_R                       ? 
_refine.pdbx_data_cutoff_high_rms_absF           ? 
_refine.correlation_coeff_Fo_to_Fc               ? 
_refine.correlation_coeff_Fo_to_Fc_free          ? 
_refine.overall_SU_R_Cruickshank_DPI             ? 
_refine.overall_SU_R_free                        ? 
_refine.pdbx_refine_id                           'X-RAY DIFFRACTION' 
_refine.pdbx_diffrn_id                           1 
_refine.pdbx_TLS_residual_ADP_flag               ? 
_refine.pdbx_solvent_vdw_probe_radii             ? 
_refine.pdbx_solvent_ion_probe_radii             ? 
_refine.pdbx_solvent_shrinkage_radii             ? 
_refine.pdbx_overall_phase_error                 ? 
_refine.pdbx_overall_SU_R_free_Cruickshank_DPI   ? 
_refine.pdbx_overall_SU_R_Blow_DPI               ? 
_refine.pdbx_overall_SU_R_free_Blow_DPI          ? 
# 
_refine_hist.pdbx_refine_id                   'X-RAY DIFFRACTION' 
_refine_hist.cycle_id                         LAST 
_refine_hist.pdbx_number_atoms_protein        0 
_refine_hist.pdbx_number_atoms_nucleic_acid   404 
_refine_hist.pdbx_number_atoms_ligand         20 
_refine_hist.number_atoms_solvent             26 
_refine_hist.number_atoms_total               450 
_refine_hist.d_res_high                       2.20 
_refine_hist.d_res_low                        34.65 
# 
loop_
_refine_ls_restr.type 
_refine_ls_restr.dev_ideal 
_refine_ls_restr.dev_ideal_target 
_refine_ls_restr.weight 
_refine_ls_restr.number 
_refine_ls_restr.pdbx_refine_id 
_refine_ls_restr.pdbx_restraint_function 
x_bond_d    0.014 ? ? ? 'X-RAY DIFFRACTION' ? 
x_angle_deg 1.574 ? ? ? 'X-RAY DIFFRACTION' ? 
# 
_struct.entry_id                  1FHY 
_struct.title                     'PSORALEN CROSS-LINKED D(CCGCTAGCGG) FORMS HOLLIDAY JUNCTION' 
_struct.pdbx_model_details        ? 
_struct.pdbx_CASP_flag            ? 
_struct.pdbx_model_type_details   ? 
# 
_struct_keywords.entry_id        1FHY 
_struct_keywords.pdbx_keywords   DNA 
_struct_keywords.text            'psoralen, cross-linked DNA, Holliday junction, 4-way junction, DNA-drug complex, DNA' 
# 
loop_
_struct_asym.id 
_struct_asym.pdbx_blank_PDB_chainid_flag 
_struct_asym.pdbx_modified 
_struct_asym.entity_id 
_struct_asym.details 
A N N 1 ? 
B N N 1 ? 
C N N 2 ? 
D N N 3 ? 
E N N 4 ? 
F N N 4 ? 
# 
_struct_ref.id                         1 
_struct_ref.entity_id                  1 
_struct_ref.db_name                    PDB 
_struct_ref.db_code                    1FHY 
_struct_ref.pdbx_db_accession          1FHY 
_struct_ref.pdbx_db_isoform            ? 
_struct_ref.pdbx_seq_one_letter_code   ? 
_struct_ref.pdbx_align_begin           ? 
# 
loop_
_struct_ref_seq.align_id 
_struct_ref_seq.ref_id 
_struct_ref_seq.pdbx_PDB_id_code 
_struct_ref_seq.pdbx_strand_id 
_struct_ref_seq.seq_align_beg 
_struct_ref_seq.pdbx_seq_align_beg_ins_code 
_struct_ref_seq.seq_align_end 
_struct_ref_seq.pdbx_seq_align_end_ins_code 
_struct_ref_seq.pdbx_db_accession 
_struct_ref_seq.db_align_beg 
_struct_ref_seq.pdbx_db_align_beg_ins_code 
_struct_ref_seq.db_align_end 
_struct_ref_seq.pdbx_db_align_end_ins_code 
_struct_ref_seq.pdbx_auth_seq_align_beg 
_struct_ref_seq.pdbx_auth_seq_align_end 
1 1 1FHY A 1 ? 10 ? 1FHY 1  ? 10 ? 1  10 
2 1 1FHY B 1 ? 10 ? 1FHY 11 ? 20 ? 11 20 
# 
_pdbx_struct_assembly.id                   1 
_pdbx_struct_assembly.details              author_defined_assembly 
_pdbx_struct_assembly.method_details       ? 
_pdbx_struct_assembly.oligomeric_details   tetrameric 
_pdbx_struct_assembly.oligomeric_count     4 
# 
_pdbx_struct_assembly_gen.assembly_id       1 
_pdbx_struct_assembly_gen.oper_expression   1,2 
_pdbx_struct_assembly_gen.asym_id_list      A,B,C,D,E,F 
# 
loop_
_pdbx_struct_oper_list.id 
_pdbx_struct_oper_list.type 
_pdbx_struct_oper_list.name 
_pdbx_struct_oper_list.symmetry_operation 
_pdbx_struct_oper_list.matrix[1][1] 
_pdbx_struct_oper_list.matrix[1][2] 
_pdbx_struct_oper_list.matrix[1][3] 
_pdbx_struct_oper_list.vector[1] 
_pdbx_struct_oper_list.matrix[2][1] 
_pdbx_struct_oper_list.matrix[2][2] 
_pdbx_struct_oper_list.matrix[2][3] 
_pdbx_struct_oper_list.vector[2] 
_pdbx_struct_oper_list.matrix[3][1] 
_pdbx_struct_oper_list.matrix[3][2] 
_pdbx_struct_oper_list.matrix[3][3] 
_pdbx_struct_oper_list.vector[3] 
1 'identity operation'         1_555 x,y,z       1.0000000000  0.0000000000  0.0000000000  0.0000000000   0.0000000000  1.0000000000 0.0000000000 0.0000000000  0.0000000000  0.0000000000 1.0000000000  0.0000000000  
2 'crystal symmetry operation' 2_656 -x+1,y,-z+1 -0.4926748819 -0.8196783893 -0.2922307289 -14.4175861080 -0.8196783893 0.3243433804 0.4721532694 -6.6941450284 -0.2922307289 0.4721532694 -0.8316684985 -6.2531328146 
# 
_struct_biol.id                    1 
_struct_biol.details               
;A four-way junction is a dimer constructed from chains A and B and a 
symmetry partner generated by the two-fold
;
_struct_biol.pdbx_parent_biol_id   ? 
# 
loop_
_struct_conn.id 
_struct_conn.conn_type_id 
_struct_conn.pdbx_leaving_atom_flag 
_struct_conn.pdbx_PDB_id 
_struct_conn.ptnr1_label_asym_id 
_struct_conn.ptnr1_label_comp_id 
_struct_conn.ptnr1_label_seq_id 
_struct_conn.ptnr1_label_atom_id 
_struct_conn.pdbx_ptnr1_label_alt_id 
_struct_conn.pdbx_ptnr1_PDB_ins_code 
_struct_conn.pdbx_ptnr1_standard_comp_id 
_struct_conn.ptnr1_symmetry 
_struct_conn.ptnr2_label_asym_id 
_struct_conn.ptnr2_label_comp_id 
_struct_conn.ptnr2_label_seq_id 
_struct_conn.ptnr2_label_atom_id 
_struct_conn.pdbx_ptnr2_label_alt_id 
_struct_conn.pdbx_ptnr2_PDB_ins_code 
_struct_conn.ptnr1_auth_asym_id 
_struct_conn.ptnr1_auth_comp_id 
_struct_conn.ptnr1_auth_seq_id 
_struct_conn.ptnr2_auth_asym_id 
_struct_conn.ptnr2_auth_comp_id 
_struct_conn.ptnr2_auth_seq_id 
_struct_conn.ptnr2_symmetry 
_struct_conn.pdbx_ptnr3_label_atom_id 
_struct_conn.pdbx_ptnr3_label_seq_id 
_struct_conn.pdbx_ptnr3_label_comp_id 
_struct_conn.pdbx_ptnr3_label_asym_id 
_struct_conn.pdbx_ptnr3_label_alt_id 
_struct_conn.pdbx_ptnr3_PDB_ins_code 
_struct_conn.details 
_struct_conn.pdbx_dist_value 
_struct_conn.pdbx_value_order 
_struct_conn.pdbx_role 
covale1  covale none ? A DT  5  C5    ? ? ? 1_555 C PSO . C4 ? ? A DT  5  A PSO 21 1_555 ? ? ? ? ? ? ?               1.563 ? ? 
covale2  covale none ? A DT  5  C6    ? ? ? 1_555 C PSO . C3 ? ? A DT  5  A PSO 21 1_555 ? ? ? ? ? ? ?               1.536 ? ? 
covale3  covale none ? C PSO .  "C4'" ? ? ? 1_555 B DT  5 C5 ? ? A PSO 21 B DT  15 1_555 ? ? ? ? ? ? ?               1.554 ? ? 
covale4  covale none ? C PSO .  "C5'" ? ? ? 1_555 B DT  5 C6 ? ? A PSO 21 B DT  15 1_555 ? ? ? ? ? ? ?               1.579 ? ? 
metalc1  metalc ?    ? A DG  9  OP1   ? ? ? 4_545 D CA  . CA ? ? A DG  9  B CA  22 1_555 ? ? ? ? ? ? ?               2.330 ? ? 
metalc2  metalc ?    ? B DG  7  OP2   ? ? ? 1_555 D CA  . CA ? ? B DG  17 B CA  22 1_555 ? ? ? ? ? ? ?               2.202 ? ? 
metalc3  metalc ?    ? D CA  .  CA    ? ? ? 1_555 F HOH . O  ? ? B CA  22 B HOH 45 1_555 ? ? ? ? ? ? ?               2.544 ? ? 
metalc4  metalc ?    ? D CA  .  CA    ? ? ? 1_555 F HOH . O  ? ? B CA  22 B HOH 46 1_555 ? ? ? ? ? ? ?               2.500 ? ? 
metalc5  metalc ?    ? D CA  .  CA    ? ? ? 1_555 F HOH . O  ? ? B CA  22 B HOH 47 1_555 ? ? ? ? ? ? ?               2.310 ? ? 
metalc6  metalc ?    ? D CA  .  CA    ? ? ? 1_555 F HOH . O  ? ? B CA  22 B HOH 48 1_555 ? ? ? ? ? ? ?               2.357 ? ? 
hydrog1  hydrog ?    ? A DT  5  O4    ? ? ? 1_555 B DA  6 N6 ? ? A DT  5  B DA  16 1_555 ? ? ? ? ? ? 'DT-DA PAIR'    ?     ? ? 
hydrog2  hydrog ?    ? A DA  6  N1    ? ? ? 1_555 B DT  5 N3 ? ? A DA  6  B DT  15 1_555 ? ? ? ? ? ? WATSON-CRICK    ?     ? ? 
hydrog3  hydrog ?    ? A DA  6  N6    ? ? ? 1_555 B DT  5 O4 ? ? A DA  6  B DT  15 1_555 ? ? ? ? ? ? WATSON-CRICK    ?     ? ? 
hydrog4  hydrog ?    ? A DG  7  N1    ? ? ? 1_555 B DC  4 N3 ? ? A DG  7  B DC  14 1_555 ? ? ? ? ? ? WATSON-CRICK    ?     ? ? 
hydrog5  hydrog ?    ? A DG  7  N2    ? ? ? 1_555 B DC  4 O2 ? ? A DG  7  B DC  14 1_555 ? ? ? ? ? ? WATSON-CRICK    ?     ? ? 
hydrog6  hydrog ?    ? A DG  7  O6    ? ? ? 1_555 B DC  4 N4 ? ? A DG  7  B DC  14 1_555 ? ? ? ? ? ? WATSON-CRICK    ?     ? ? 
hydrog7  hydrog ?    ? A DG  7  N2    ? ? ? 1_555 B DT  5 O2 ? ? A DG  7  B DT  15 1_555 ? ? ? ? ? ? 'DG-DT MISPAIR' ?     ? ? 
hydrog8  hydrog ?    ? A DC  8  N3    ? ? ? 1_555 B DG  3 N1 ? ? A DC  8  B DG  13 1_555 ? ? ? ? ? ? WATSON-CRICK    ?     ? ? 
hydrog9  hydrog ?    ? A DC  8  N4    ? ? ? 1_555 B DG  3 O6 ? ? A DC  8  B DG  13 1_555 ? ? ? ? ? ? WATSON-CRICK    ?     ? ? 
hydrog10 hydrog ?    ? A DC  8  O2    ? ? ? 1_555 B DG  3 N2 ? ? A DC  8  B DG  13 1_555 ? ? ? ? ? ? WATSON-CRICK    ?     ? ? 
hydrog11 hydrog ?    ? A DG  9  N1    ? ? ? 1_555 B DC  2 N3 ? ? A DG  9  B DC  12 1_555 ? ? ? ? ? ? WATSON-CRICK    ?     ? ? 
hydrog12 hydrog ?    ? A DG  9  N2    ? ? ? 1_555 B DC  2 O2 ? ? A DG  9  B DC  12 1_555 ? ? ? ? ? ? WATSON-CRICK    ?     ? ? 
hydrog13 hydrog ?    ? A DG  9  O6    ? ? ? 1_555 B DC  2 N4 ? ? A DG  9  B DC  12 1_555 ? ? ? ? ? ? WATSON-CRICK    ?     ? ? 
hydrog14 hydrog ?    ? A DG  10 N1    ? ? ? 1_555 B DC  1 N3 ? ? A DG  10 B DC  11 1_555 ? ? ? ? ? ? WATSON-CRICK    ?     ? ? 
hydrog15 hydrog ?    ? A DG  10 N2    ? ? ? 1_555 B DC  1 O2 ? ? A DG  10 B DC  11 1_555 ? ? ? ? ? ? WATSON-CRICK    ?     ? ? 
hydrog16 hydrog ?    ? A DG  10 O6    ? ? ? 1_555 B DC  1 N4 ? ? A DG  10 B DC  11 1_555 ? ? ? ? ? ? WATSON-CRICK    ?     ? ? 
# 
loop_
_struct_conn_type.id 
_struct_conn_type.criteria 
_struct_conn_type.reference 
covale ? ? 
metalc ? ? 
hydrog ? ? 
# 
loop_
_pdbx_struct_conn_angle.id 
_pdbx_struct_conn_angle.ptnr1_label_atom_id 
_pdbx_struct_conn_angle.ptnr1_label_alt_id 
_pdbx_struct_conn_angle.ptnr1_label_asym_id 
_pdbx_struct_conn_angle.ptnr1_label_comp_id 
_pdbx_struct_conn_angle.ptnr1_label_seq_id 
_pdbx_struct_conn_angle.ptnr1_auth_atom_id 
_pdbx_struct_conn_angle.ptnr1_auth_asym_id 
_pdbx_struct_conn_angle.ptnr1_auth_comp_id 
_pdbx_struct_conn_angle.ptnr1_auth_seq_id 
_pdbx_struct_conn_angle.ptnr1_PDB_ins_code 
_pdbx_struct_conn_angle.ptnr1_symmetry 
_pdbx_struct_conn_angle.ptnr2_label_atom_id 
_pdbx_struct_conn_angle.ptnr2_label_alt_id 
_pdbx_struct_conn_angle.ptnr2_label_asym_id 
_pdbx_struct_conn_angle.ptnr2_label_comp_id 
_pdbx_struct_conn_angle.ptnr2_label_seq_id 
_pdbx_struct_conn_angle.ptnr2_auth_atom_id 
_pdbx_struct_conn_angle.ptnr2_auth_asym_id 
_pdbx_struct_conn_angle.ptnr2_auth_comp_id 
_pdbx_struct_conn_angle.ptnr2_auth_seq_id 
_pdbx_struct_conn_angle.ptnr2_PDB_ins_code 
_pdbx_struct_conn_angle.ptnr2_symmetry 
_pdbx_struct_conn_angle.ptnr3_label_atom_id 
_pdbx_struct_conn_angle.ptnr3_label_alt_id 
_pdbx_struct_conn_angle.ptnr3_label_asym_id 
_pdbx_struct_conn_angle.ptnr3_label_comp_id 
_pdbx_struct_conn_angle.ptnr3_label_seq_id 
_pdbx_struct_conn_angle.ptnr3_auth_atom_id 
_pdbx_struct_conn_angle.ptnr3_auth_asym_id 
_pdbx_struct_conn_angle.ptnr3_auth_comp_id 
_pdbx_struct_conn_angle.ptnr3_auth_seq_id 
_pdbx_struct_conn_angle.ptnr3_PDB_ins_code 
_pdbx_struct_conn_angle.ptnr3_symmetry 
_pdbx_struct_conn_angle.value 
_pdbx_struct_conn_angle.value_esd 
1  OP1 ? A DG  9 ? A DG  9  ? 4_545 CA ? D CA . ? B CA 22 ? 1_555 OP2 ? B DG  7 ? B DG  17 ? 1_555 95.5  ? 
2  OP1 ? A DG  9 ? A DG  9  ? 4_545 CA ? D CA . ? B CA 22 ? 1_555 O   ? F HOH . ? B HOH 45 ? 1_555 100.9 ? 
3  OP2 ? B DG  7 ? B DG  17 ? 1_555 CA ? D CA . ? B CA 22 ? 1_555 O   ? F HOH . ? B HOH 45 ? 1_555 76.7  ? 
4  OP1 ? A DG  9 ? A DG  9  ? 4_545 CA ? D CA . ? B CA 22 ? 1_555 O   ? F HOH . ? B HOH 46 ? 1_555 170.7 ? 
5  OP2 ? B DG  7 ? B DG  17 ? 1_555 CA ? D CA . ? B CA 22 ? 1_555 O   ? F HOH . ? B HOH 46 ? 1_555 85.6  ? 
6  O   ? F HOH . ? B HOH 45 ? 1_555 CA ? D CA . ? B CA 22 ? 1_555 O   ? F HOH . ? B HOH 46 ? 1_555 88.3  ? 
7  OP1 ? A DG  9 ? A DG  9  ? 4_545 CA ? D CA . ? B CA 22 ? 1_555 O   ? F HOH . ? B HOH 47 ? 1_555 96.4  ? 
8  OP2 ? B DG  7 ? B DG  17 ? 1_555 CA ? D CA . ? B CA 22 ? 1_555 O   ? F HOH . ? B HOH 47 ? 1_555 167.6 ? 
9  O   ? F HOH . ? B HOH 45 ? 1_555 CA ? D CA . ? B CA 22 ? 1_555 O   ? F HOH . ? B HOH 47 ? 1_555 97.6  ? 
10 O   ? F HOH . ? B HOH 46 ? 1_555 CA ? D CA . ? B CA 22 ? 1_555 O   ? F HOH . ? B HOH 47 ? 1_555 83.1  ? 
11 OP1 ? A DG  9 ? A DG  9  ? 4_545 CA ? D CA . ? B CA 22 ? 1_555 O   ? F HOH . ? B HOH 48 ? 1_555 91.7  ? 
12 OP2 ? B DG  7 ? B DG  17 ? 1_555 CA ? D CA . ? B CA 22 ? 1_555 O   ? F HOH . ? B HOH 48 ? 1_555 96.8  ? 
13 O   ? F HOH . ? B HOH 45 ? 1_555 CA ? D CA . ? B CA 22 ? 1_555 O   ? F HOH . ? B HOH 48 ? 1_555 166.3 ? 
14 O   ? F HOH . ? B HOH 46 ? 1_555 CA ? D CA . ? B CA 22 ? 1_555 O   ? F HOH . ? B HOH 48 ? 1_555 79.1  ? 
15 O   ? F HOH . ? B HOH 47 ? 1_555 CA ? D CA . ? B CA 22 ? 1_555 O   ? F HOH . ? B HOH 48 ? 1_555 86.3  ? 
# 
loop_
_struct_site.id 
_struct_site.pdbx_evidence_code 
_struct_site.pdbx_auth_asym_id 
_struct_site.pdbx_auth_comp_id 
_struct_site.pdbx_auth_seq_id 
_struct_site.pdbx_auth_ins_code 
_struct_site.pdbx_num_residues 
_struct_site.details 
AC1 Software B CA  22 ? 7 'BINDING SITE FOR RESIDUE CA B 22'  
AC2 Software A PSO 21 ? 4 'BINDING SITE FOR RESIDUE PSO A 21' 
1   ?        ? ?   ?  ? ? ?                                   
# 
loop_
_struct_site_gen.id 
_struct_site_gen.site_id 
_struct_site_gen.pdbx_num_res 
_struct_site_gen.label_comp_id 
_struct_site_gen.label_asym_id 
_struct_site_gen.label_seq_id 
_struct_site_gen.pdbx_auth_ins_code 
_struct_site_gen.auth_comp_id 
_struct_site_gen.auth_asym_id 
_struct_site_gen.auth_seq_id 
_struct_site_gen.label_atom_id 
_struct_site_gen.label_alt_id 
_struct_site_gen.symmetry 
_struct_site_gen.details 
1  AC1 7 DC  A 8 ? DC  A 8  . ? 4_545 ? 
2  AC1 7 DG  A 9 ? DG  A 9  . ? 4_545 ? 
3  AC1 7 DG  B 7 ? DG  B 17 . ? 1_555 ? 
4  AC1 7 HOH F . ? HOH B 45 . ? 1_555 ? 
5  AC1 7 HOH F . ? HOH B 46 . ? 1_555 ? 
6  AC1 7 HOH F . ? HOH B 47 . ? 1_555 ? 
7  AC1 7 HOH F . ? HOH B 48 . ? 1_555 ? 
8  AC2 4 DT  A 5 ? DT  A 5  . ? 1_555 ? 
9  AC2 4 DA  A 6 ? DA  A 6  . ? 1_555 ? 
10 AC2 4 DT  B 5 ? DT  B 15 . ? 1_555 ? 
11 AC2 4 DA  B 6 ? DA  B 16 . ? 1_555 ? 
# 
loop_
_pdbx_validate_close_contact.id 
_pdbx_validate_close_contact.PDB_model_num 
_pdbx_validate_close_contact.auth_atom_id_1 
_pdbx_validate_close_contact.auth_asym_id_1 
_pdbx_validate_close_contact.auth_comp_id_1 
_pdbx_validate_close_contact.auth_seq_id_1 
_pdbx_validate_close_contact.PDB_ins_code_1 
_pdbx_validate_close_contact.label_alt_id_1 
_pdbx_validate_close_contact.auth_atom_id_2 
_pdbx_validate_close_contact.auth_asym_id_2 
_pdbx_validate_close_contact.auth_comp_id_2 
_pdbx_validate_close_contact.auth_seq_id_2 
_pdbx_validate_close_contact.PDB_ins_code_2 
_pdbx_validate_close_contact.label_alt_id_2 
_pdbx_validate_close_contact.dist 
1 1 C5 A DT 5  ? ? C3    A PSO 21 ? ? 2.11 
2 1 C6 B DT 15 ? ? "C4'" A PSO 21 ? ? 2.17 
3 1 C5 B DT 15 ? ? "C5'" A PSO 21 ? ? 2.18 
4 1 C6 A DT 5  ? ? C4    A PSO 21 ? ? 2.18 
5 1 C4 B DT 15 ? ? "C4'" A PSO 21 ? ? 2.19 
# 
loop_
_pdbx_validate_rmsd_bond.id 
_pdbx_validate_rmsd_bond.PDB_model_num 
_pdbx_validate_rmsd_bond.auth_atom_id_1 
_pdbx_validate_rmsd_bond.auth_asym_id_1 
_pdbx_validate_rmsd_bond.auth_comp_id_1 
_pdbx_validate_rmsd_bond.auth_seq_id_1 
_pdbx_validate_rmsd_bond.PDB_ins_code_1 
_pdbx_validate_rmsd_bond.label_alt_id_1 
_pdbx_validate_rmsd_bond.auth_atom_id_2 
_pdbx_validate_rmsd_bond.auth_asym_id_2 
_pdbx_validate_rmsd_bond.auth_comp_id_2 
_pdbx_validate_rmsd_bond.auth_seq_id_2 
_pdbx_validate_rmsd_bond.PDB_ins_code_2 
_pdbx_validate_rmsd_bond.label_alt_id_2 
_pdbx_validate_rmsd_bond.bond_value 
_pdbx_validate_rmsd_bond.bond_target_value 
_pdbx_validate_rmsd_bond.bond_deviation 
_pdbx_validate_rmsd_bond.bond_standard_deviation 
_pdbx_validate_rmsd_bond.linker_flag 
1 1 C4 A DT 5  ? ? C5 A DT 5  ? ? 1.535 1.445 0.090 0.009 N 
2 1 C5 A DT 5  ? ? C6 A DT 5  ? ? 1.533 1.339 0.194 0.007 N 
3 1 C2 B DT 15 ? ? N3 B DT 15 ? ? 1.436 1.373 0.063 0.008 N 
4 1 C5 B DT 15 ? ? C6 B DT 15 ? ? 1.489 1.339 0.150 0.007 N 
5 1 C6 B DT 15 ? ? N1 B DT 15 ? ? 1.426 1.378 0.048 0.007 N 
# 
loop_
_pdbx_validate_rmsd_angle.id 
_pdbx_validate_rmsd_angle.PDB_model_num 
_pdbx_validate_rmsd_angle.auth_atom_id_1 
_pdbx_validate_rmsd_angle.auth_asym_id_1 
_pdbx_validate_rmsd_angle.auth_comp_id_1 
_pdbx_validate_rmsd_angle.auth_seq_id_1 
_pdbx_validate_rmsd_angle.PDB_ins_code_1 
_pdbx_validate_rmsd_angle.label_alt_id_1 
_pdbx_validate_rmsd_angle.auth_atom_id_2 
_pdbx_validate_rmsd_angle.auth_asym_id_2 
_pdbx_validate_rmsd_angle.auth_comp_id_2 
_pdbx_validate_rmsd_angle.auth_seq_id_2 
_pdbx_validate_rmsd_angle.PDB_ins_code_2 
_pdbx_validate_rmsd_angle.label_alt_id_2 
_pdbx_validate_rmsd_angle.auth_atom_id_3 
_pdbx_validate_rmsd_angle.auth_asym_id_3 
_pdbx_validate_rmsd_angle.auth_comp_id_3 
_pdbx_validate_rmsd_angle.auth_seq_id_3 
_pdbx_validate_rmsd_angle.PDB_ins_code_3 
_pdbx_validate_rmsd_angle.label_alt_id_3 
_pdbx_validate_rmsd_angle.angle_value 
_pdbx_validate_rmsd_angle.angle_target_value 
_pdbx_validate_rmsd_angle.angle_deviation 
_pdbx_validate_rmsd_angle.angle_standard_deviation 
_pdbx_validate_rmsd_angle.linker_flag 
1 1 C5 A DT 5  ? ? C6 A DT 5  ? ? N1 A DT 5  ? ? 119.80 123.70 -3.90  0.60 N 
2 1 C4 A DT 5  ? ? C5 A DT 5  ? ? C7 A DT 5  ? ? 108.36 119.00 -10.64 0.60 N 
3 1 C6 A DT 5  ? ? C5 A DT 5  ? ? C7 A DT 5  ? ? 107.98 122.90 -14.92 0.60 N 
4 1 N3 B DT 15 ? ? C4 B DT 15 ? ? C5 B DT 15 ? ? 111.52 115.20 -3.68  0.60 N 
5 1 C4 B DT 15 ? ? C5 B DT 15 ? ? C6 B DT 15 ? ? 122.26 118.00 4.26   0.60 N 
6 1 C5 B DT 15 ? ? C6 B DT 15 ? ? N1 B DT 15 ? ? 119.43 123.70 -4.27  0.60 N 
7 1 C4 B DT 15 ? ? C5 B DT 15 ? ? C7 B DT 15 ? ? 106.75 119.00 -12.25 0.60 N 
8 1 C6 B DT 15 ? ? C5 B DT 15 ? ? C7 B DT 15 ? ? 106.54 122.90 -16.36 0.60 N 
# 
loop_
_pdbx_validate_planes.id 
_pdbx_validate_planes.PDB_model_num 
_pdbx_validate_planes.auth_comp_id 
_pdbx_validate_planes.auth_asym_id 
_pdbx_validate_planes.auth_seq_id 
_pdbx_validate_planes.PDB_ins_code 
_pdbx_validate_planes.label_alt_id 
_pdbx_validate_planes.rmsd 
_pdbx_validate_planes.type 
1 1 DT A 5 ? ? 0.093 'SIDE CHAIN' 
2 1 DC A 8 ? ? 0.083 'SIDE CHAIN' 
# 
_struct_site_keywords.site_id   1 
_struct_site_keywords.text      'INTERCALATION, COVALENT' 
# 
loop_
_chem_comp_atom.comp_id 
_chem_comp_atom.atom_id 
_chem_comp_atom.type_symbol 
_chem_comp_atom.pdbx_aromatic_flag 
_chem_comp_atom.pdbx_stereo_config 
_chem_comp_atom.pdbx_ordinal 
CA  CA     CA N N 1   
DA  OP3    O  N N 2   
DA  P      P  N N 3   
DA  OP1    O  N N 4   
DA  OP2    O  N N 5   
DA  "O5'"  O  N N 6   
DA  "C5'"  C  N N 7   
DA  "C4'"  C  N R 8   
DA  "O4'"  O  N N 9   
DA  "C3'"  C  N S 10  
DA  "O3'"  O  N N 11  
DA  "C2'"  C  N N 12  
DA  "C1'"  C  N R 13  
DA  N9     N  Y N 14  
DA  C8     C  Y N 15  
DA  N7     N  Y N 16  
DA  C5     C  Y N 17  
DA  C6     C  Y N 18  
DA  N6     N  N N 19  
DA  N1     N  Y N 20  
DA  C2     C  Y N 21  
DA  N3     N  Y N 22  
DA  C4     C  Y N 23  
DA  HOP3   H  N N 24  
DA  HOP2   H  N N 25  
DA  "H5'"  H  N N 26  
DA  "H5''" H  N N 27  
DA  "H4'"  H  N N 28  
DA  "H3'"  H  N N 29  
DA  "HO3'" H  N N 30  
DA  "H2'"  H  N N 31  
DA  "H2''" H  N N 32  
DA  "H1'"  H  N N 33  
DA  H8     H  N N 34  
DA  H61    H  N N 35  
DA  H62    H  N N 36  
DA  H2     H  N N 37  
DC  OP3    O  N N 38  
DC  P      P  N N 39  
DC  OP1    O  N N 40  
DC  OP2    O  N N 41  
DC  "O5'"  O  N N 42  
DC  "C5'"  C  N N 43  
DC  "C4'"  C  N R 44  
DC  "O4'"  O  N N 45  
DC  "C3'"  C  N S 46  
DC  "O3'"  O  N N 47  
DC  "C2'"  C  N N 48  
DC  "C1'"  C  N R 49  
DC  N1     N  N N 50  
DC  C2     C  N N 51  
DC  O2     O  N N 52  
DC  N3     N  N N 53  
DC  C4     C  N N 54  
DC  N4     N  N N 55  
DC  C5     C  N N 56  
DC  C6     C  N N 57  
DC  HOP3   H  N N 58  
DC  HOP2   H  N N 59  
DC  "H5'"  H  N N 60  
DC  "H5''" H  N N 61  
DC  "H4'"  H  N N 62  
DC  "H3'"  H  N N 63  
DC  "HO3'" H  N N 64  
DC  "H2'"  H  N N 65  
DC  "H2''" H  N N 66  
DC  "H1'"  H  N N 67  
DC  H41    H  N N 68  
DC  H42    H  N N 69  
DC  H5     H  N N 70  
DC  H6     H  N N 71  
DG  OP3    O  N N 72  
DG  P      P  N N 73  
DG  OP1    O  N N 74  
DG  OP2    O  N N 75  
DG  "O5'"  O  N N 76  
DG  "C5'"  C  N N 77  
DG  "C4'"  C  N R 78  
DG  "O4'"  O  N N 79  
DG  "C3'"  C  N S 80  
DG  "O3'"  O  N N 81  
DG  "C2'"  C  N N 82  
DG  "C1'"  C  N R 83  
DG  N9     N  Y N 84  
DG  C8     C  Y N 85  
DG  N7     N  Y N 86  
DG  C5     C  Y N 87  
DG  C6     C  N N 88  
DG  O6     O  N N 89  
DG  N1     N  N N 90  
DG  C2     C  N N 91  
DG  N2     N  N N 92  
DG  N3     N  N N 93  
DG  C4     C  Y N 94  
DG  HOP3   H  N N 95  
DG  HOP2   H  N N 96  
DG  "H5'"  H  N N 97  
DG  "H5''" H  N N 98  
DG  "H4'"  H  N N 99  
DG  "H3'"  H  N N 100 
DG  "HO3'" H  N N 101 
DG  "H2'"  H  N N 102 
DG  "H2''" H  N N 103 
DG  "H1'"  H  N N 104 
DG  H8     H  N N 105 
DG  H1     H  N N 106 
DG  H21    H  N N 107 
DG  H22    H  N N 108 
DT  OP3    O  N N 109 
DT  P      P  N N 110 
DT  OP1    O  N N 111 
DT  OP2    O  N N 112 
DT  "O5'"  O  N N 113 
DT  "C5'"  C  N N 114 
DT  "C4'"  C  N R 115 
DT  "O4'"  O  N N 116 
DT  "C3'"  C  N S 117 
DT  "O3'"  O  N N 118 
DT  "C2'"  C  N N 119 
DT  "C1'"  C  N R 120 
DT  N1     N  N N 121 
DT  C2     C  N N 122 
DT  O2     O  N N 123 
DT  N3     N  N N 124 
DT  C4     C  N N 125 
DT  O4     O  N N 126 
DT  C5     C  N N 127 
DT  C7     C  N N 128 
DT  C6     C  N N 129 
DT  HOP3   H  N N 130 
DT  HOP2   H  N N 131 
DT  "H5'"  H  N N 132 
DT  "H5''" H  N N 133 
DT  "H4'"  H  N N 134 
DT  "H3'"  H  N N 135 
DT  "HO3'" H  N N 136 
DT  "H2'"  H  N N 137 
DT  "H2''" H  N N 138 
DT  "H1'"  H  N N 139 
DT  H3     H  N N 140 
DT  H71    H  N N 141 
DT  H72    H  N N 142 
DT  H73    H  N N 143 
DT  H6     H  N N 144 
HOH O      O  N N 145 
HOH H1     H  N N 146 
HOH H2     H  N N 147 
PSO O1     O  Y N 148 
PSO C2     C  Y N 149 
PSO C3     C  Y N 150 
PSO C4     C  Y N 151 
PSO C5     C  Y N 152 
PSO C6     C  Y N 153 
PSO C7     C  Y N 154 
PSO C8     C  Y N 155 
PSO C9     C  Y N 156 
PSO C10    C  Y N 157 
PSO "C4'"  C  Y N 158 
PSO "C5'"  C  Y N 159 
PSO "O6'"  O  Y N 160 
PSO O11    O  N N 161 
PSO C12    C  N N 162 
PSO C13    C  N N 163 
PSO O14    O  N N 164 
PSO C15    C  N N 165 
PSO C16    C  N N 166 
PSO H3     H  N N 167 
PSO H5     H  N N 168 
PSO H121   H  N N 169 
PSO H122   H  N N 170 
PSO H123   H  N N 171 
PSO H131   H  N N 172 
PSO H132   H  N N 173 
PSO H14    H  N N 174 
PSO H151   H  N N 175 
PSO H152   H  N N 176 
PSO H153   H  N N 177 
PSO H161   H  N N 178 
PSO H162   H  N N 179 
PSO H163   H  N N 180 
# 
loop_
_chem_comp_bond.comp_id 
_chem_comp_bond.atom_id_1 
_chem_comp_bond.atom_id_2 
_chem_comp_bond.value_order 
_chem_comp_bond.pdbx_aromatic_flag 
_chem_comp_bond.pdbx_stereo_config 
_chem_comp_bond.pdbx_ordinal 
DA  OP3   P      sing N N 1   
DA  OP3   HOP3   sing N N 2   
DA  P     OP1    doub N N 3   
DA  P     OP2    sing N N 4   
DA  P     "O5'"  sing N N 5   
DA  OP2   HOP2   sing N N 6   
DA  "O5'" "C5'"  sing N N 7   
DA  "C5'" "C4'"  sing N N 8   
DA  "C5'" "H5'"  sing N N 9   
DA  "C5'" "H5''" sing N N 10  
DA  "C4'" "O4'"  sing N N 11  
DA  "C4'" "C3'"  sing N N 12  
DA  "C4'" "H4'"  sing N N 13  
DA  "O4'" "C1'"  sing N N 14  
DA  "C3'" "O3'"  sing N N 15  
DA  "C3'" "C2'"  sing N N 16  
DA  "C3'" "H3'"  sing N N 17  
DA  "O3'" "HO3'" sing N N 18  
DA  "C2'" "C1'"  sing N N 19  
DA  "C2'" "H2'"  sing N N 20  
DA  "C2'" "H2''" sing N N 21  
DA  "C1'" N9     sing N N 22  
DA  "C1'" "H1'"  sing N N 23  
DA  N9    C8     sing Y N 24  
DA  N9    C4     sing Y N 25  
DA  C8    N7     doub Y N 26  
DA  C8    H8     sing N N 27  
DA  N7    C5     sing Y N 28  
DA  C5    C6     sing Y N 29  
DA  C5    C4     doub Y N 30  
DA  C6    N6     sing N N 31  
DA  C6    N1     doub Y N 32  
DA  N6    H61    sing N N 33  
DA  N6    H62    sing N N 34  
DA  N1    C2     sing Y N 35  
DA  C2    N3     doub Y N 36  
DA  C2    H2     sing N N 37  
DA  N3    C4     sing Y N 38  
DC  OP3   P      sing N N 39  
DC  OP3   HOP3   sing N N 40  
DC  P     OP1    doub N N 41  
DC  P     OP2    sing N N 42  
DC  P     "O5'"  sing N N 43  
DC  OP2   HOP2   sing N N 44  
DC  "O5'" "C5'"  sing N N 45  
DC  "C5'" "C4'"  sing N N 46  
DC  "C5'" "H5'"  sing N N 47  
DC  "C5'" "H5''" sing N N 48  
DC  "C4'" "O4'"  sing N N 49  
DC  "C4'" "C3'"  sing N N 50  
DC  "C4'" "H4'"  sing N N 51  
DC  "O4'" "C1'"  sing N N 52  
DC  "C3'" "O3'"  sing N N 53  
DC  "C3'" "C2'"  sing N N 54  
DC  "C3'" "H3'"  sing N N 55  
DC  "O3'" "HO3'" sing N N 56  
DC  "C2'" "C1'"  sing N N 57  
DC  "C2'" "H2'"  sing N N 58  
DC  "C2'" "H2''" sing N N 59  
DC  "C1'" N1     sing N N 60  
DC  "C1'" "H1'"  sing N N 61  
DC  N1    C2     sing N N 62  
DC  N1    C6     sing N N 63  
DC  C2    O2     doub N N 64  
DC  C2    N3     sing N N 65  
DC  N3    C4     doub N N 66  
DC  C4    N4     sing N N 67  
DC  C4    C5     sing N N 68  
DC  N4    H41    sing N N 69  
DC  N4    H42    sing N N 70  
DC  C5    C6     doub N N 71  
DC  C5    H5     sing N N 72  
DC  C6    H6     sing N N 73  
DG  OP3   P      sing N N 74  
DG  OP3   HOP3   sing N N 75  
DG  P     OP1    doub N N 76  
DG  P     OP2    sing N N 77  
DG  P     "O5'"  sing N N 78  
DG  OP2   HOP2   sing N N 79  
DG  "O5'" "C5'"  sing N N 80  
DG  "C5'" "C4'"  sing N N 81  
DG  "C5'" "H5'"  sing N N 82  
DG  "C5'" "H5''" sing N N 83  
DG  "C4'" "O4'"  sing N N 84  
DG  "C4'" "C3'"  sing N N 85  
DG  "C4'" "H4'"  sing N N 86  
DG  "O4'" "C1'"  sing N N 87  
DG  "C3'" "O3'"  sing N N 88  
DG  "C3'" "C2'"  sing N N 89  
DG  "C3'" "H3'"  sing N N 90  
DG  "O3'" "HO3'" sing N N 91  
DG  "C2'" "C1'"  sing N N 92  
DG  "C2'" "H2'"  sing N N 93  
DG  "C2'" "H2''" sing N N 94  
DG  "C1'" N9     sing N N 95  
DG  "C1'" "H1'"  sing N N 96  
DG  N9    C8     sing Y N 97  
DG  N9    C4     sing Y N 98  
DG  C8    N7     doub Y N 99  
DG  C8    H8     sing N N 100 
DG  N7    C5     sing Y N 101 
DG  C5    C6     sing N N 102 
DG  C5    C4     doub Y N 103 
DG  C6    O6     doub N N 104 
DG  C6    N1     sing N N 105 
DG  N1    C2     sing N N 106 
DG  N1    H1     sing N N 107 
DG  C2    N2     sing N N 108 
DG  C2    N3     doub N N 109 
DG  N2    H21    sing N N 110 
DG  N2    H22    sing N N 111 
DG  N3    C4     sing N N 112 
DT  OP3   P      sing N N 113 
DT  OP3   HOP3   sing N N 114 
DT  P     OP1    doub N N 115 
DT  P     OP2    sing N N 116 
DT  P     "O5'"  sing N N 117 
DT  OP2   HOP2   sing N N 118 
DT  "O5'" "C5'"  sing N N 119 
DT  "C5'" "C4'"  sing N N 120 
DT  "C5'" "H5'"  sing N N 121 
DT  "C5'" "H5''" sing N N 122 
DT  "C4'" "O4'"  sing N N 123 
DT  "C4'" "C3'"  sing N N 124 
DT  "C4'" "H4'"  sing N N 125 
DT  "O4'" "C1'"  sing N N 126 
DT  "C3'" "O3'"  sing N N 127 
DT  "C3'" "C2'"  sing N N 128 
DT  "C3'" "H3'"  sing N N 129 
DT  "O3'" "HO3'" sing N N 130 
DT  "C2'" "C1'"  sing N N 131 
DT  "C2'" "H2'"  sing N N 132 
DT  "C2'" "H2''" sing N N 133 
DT  "C1'" N1     sing N N 134 
DT  "C1'" "H1'"  sing N N 135 
DT  N1    C2     sing N N 136 
DT  N1    C6     sing N N 137 
DT  C2    O2     doub N N 138 
DT  C2    N3     sing N N 139 
DT  N3    C4     sing N N 140 
DT  N3    H3     sing N N 141 
DT  C4    O4     doub N N 142 
DT  C4    C5     sing N N 143 
DT  C5    C7     sing N N 144 
DT  C5    C6     doub N N 145 
DT  C7    H71    sing N N 146 
DT  C7    H72    sing N N 147 
DT  C7    H73    sing N N 148 
DT  C6    H6     sing N N 149 
HOH O     H1     sing N N 150 
HOH O     H2     sing N N 151 
PSO O1    C2     sing Y N 152 
PSO O1    C9     sing Y N 153 
PSO C2    C3     sing Y N 154 
PSO C2    O11    doub N N 155 
PSO C3    C4     doub Y N 156 
PSO C3    H3     sing N N 157 
PSO C4    C10    sing Y N 158 
PSO C4    C12    sing N N 159 
PSO C5    C6     doub Y N 160 
PSO C5    C10    sing Y N 161 
PSO C5    H5     sing N N 162 
PSO C6    C7     sing Y N 163 
PSO C6    "C4'"  sing Y N 164 
PSO C7    C8     doub Y N 165 
PSO C7    "O6'"  sing Y N 166 
PSO C8    C9     sing Y N 167 
PSO C8    C16    sing N N 168 
PSO C9    C10    doub Y N 169 
PSO "C4'" "C5'"  doub Y N 170 
PSO "C4'" C13    sing N N 171 
PSO "C5'" "O6'"  sing Y N 172 
PSO "C5'" C15    sing N N 173 
PSO C12   H121   sing N N 174 
PSO C12   H122   sing N N 175 
PSO C12   H123   sing N N 176 
PSO C13   O14    sing N N 177 
PSO C13   H131   sing N N 178 
PSO C13   H132   sing N N 179 
PSO O14   H14    sing N N 180 
PSO C15   H151   sing N N 181 
PSO C15   H152   sing N N 182 
PSO C15   H153   sing N N 183 
PSO C16   H161   sing N N 184 
PSO C16   H162   sing N N 185 
PSO C16   H163   sing N N 186 
# 
loop_
_ndb_struct_conf_na.entry_id 
_ndb_struct_conf_na.feature 
1FHY 'double helix'        
1FHY 'b-form double helix' 
# 
loop_
_ndb_struct_na_base_pair.model_number 
_ndb_struct_na_base_pair.i_label_asym_id 
_ndb_struct_na_base_pair.i_label_comp_id 
_ndb_struct_na_base_pair.i_label_seq_id 
_ndb_struct_na_base_pair.i_symmetry 
_ndb_struct_na_base_pair.j_label_asym_id 
_ndb_struct_na_base_pair.j_label_comp_id 
_ndb_struct_na_base_pair.j_label_seq_id 
_ndb_struct_na_base_pair.j_symmetry 
_ndb_struct_na_base_pair.shear 
_ndb_struct_na_base_pair.stretch 
_ndb_struct_na_base_pair.stagger 
_ndb_struct_na_base_pair.buckle 
_ndb_struct_na_base_pair.propeller 
_ndb_struct_na_base_pair.opening 
_ndb_struct_na_base_pair.pair_number 
_ndb_struct_na_base_pair.pair_name 
_ndb_struct_na_base_pair.i_auth_asym_id 
_ndb_struct_na_base_pair.i_auth_seq_id 
_ndb_struct_na_base_pair.i_PDB_ins_code 
_ndb_struct_na_base_pair.j_auth_asym_id 
_ndb_struct_na_base_pair.j_auth_seq_id 
_ndb_struct_na_base_pair.j_PDB_ins_code 
_ndb_struct_na_base_pair.hbond_type_28 
_ndb_struct_na_base_pair.hbond_type_12 
1 A DT 5  1_555 B DA 6 1_555 -0.293 1.450  2.000  -46.822 -29.559 48.264 1 A_DT5:DA16_B  A 5  ? B 16 ? ?  ? 
1 A DA 6  1_555 B DT 5 1_555 -0.727 -0.080 -0.747 -30.150 -17.552 7.362  2 A_DA6:DT15_B  A 6  ? B 15 ? 20 1 
1 A DG 7  1_555 B DC 4 1_555 0.259  -0.283 0.469  7.989   -4.678  -0.590 3 A_DG7:DC14_B  A 7  ? B 14 ? 19 1 
1 A DC 8  1_555 B DG 3 1_555 0.173  -0.114 0.236  2.565   -11.173 -4.480 4 A_DC8:DG13_B  A 8  ? B 13 ? 19 1 
1 A DG 9  1_555 B DC 2 1_555 -0.857 -0.036 -0.187 0.069   -4.337  3.418  5 A_DG9:DC12_B  A 9  ? B 12 ? 19 1 
1 A DG 10 1_555 B DC 1 1_555 -0.782 0.113  0.296  10.579  -9.105  2.594  6 A_DG10:DC11_B A 10 ? B 11 ? 19 1 
# 
loop_
_ndb_struct_na_base_pair_step.model_number 
_ndb_struct_na_base_pair_step.i_label_asym_id_1 
_ndb_struct_na_base_pair_step.i_label_comp_id_1 
_ndb_struct_na_base_pair_step.i_label_seq_id_1 
_ndb_struct_na_base_pair_step.i_symmetry_1 
_ndb_struct_na_base_pair_step.j_label_asym_id_1 
_ndb_struct_na_base_pair_step.j_label_comp_id_1 
_ndb_struct_na_base_pair_step.j_label_seq_id_1 
_ndb_struct_na_base_pair_step.j_symmetry_1 
_ndb_struct_na_base_pair_step.i_label_asym_id_2 
_ndb_struct_na_base_pair_step.i_label_comp_id_2 
_ndb_struct_na_base_pair_step.i_label_seq_id_2 
_ndb_struct_na_base_pair_step.i_symmetry_2 
_ndb_struct_na_base_pair_step.j_label_asym_id_2 
_ndb_struct_na_base_pair_step.j_label_comp_id_2 
_ndb_struct_na_base_pair_step.j_label_seq_id_2 
_ndb_struct_na_base_pair_step.j_symmetry_2 
_ndb_struct_na_base_pair_step.shift 
_ndb_struct_na_base_pair_step.slide 
_ndb_struct_na_base_pair_step.rise 
_ndb_struct_na_base_pair_step.tilt 
_ndb_struct_na_base_pair_step.roll 
_ndb_struct_na_base_pair_step.twist 
_ndb_struct_na_base_pair_step.x_displacement 
_ndb_struct_na_base_pair_step.y_displacement 
_ndb_struct_na_base_pair_step.helical_rise 
_ndb_struct_na_base_pair_step.inclination 
_ndb_struct_na_base_pair_step.tip 
_ndb_struct_na_base_pair_step.helical_twist 
_ndb_struct_na_base_pair_step.step_number 
_ndb_struct_na_base_pair_step.step_name 
_ndb_struct_na_base_pair_step.i_auth_asym_id_1 
_ndb_struct_na_base_pair_step.i_auth_seq_id_1 
_ndb_struct_na_base_pair_step.i_PDB_ins_code_1 
_ndb_struct_na_base_pair_step.j_auth_asym_id_1 
_ndb_struct_na_base_pair_step.j_auth_seq_id_1 
_ndb_struct_na_base_pair_step.j_PDB_ins_code_1 
_ndb_struct_na_base_pair_step.i_auth_asym_id_2 
_ndb_struct_na_base_pair_step.i_auth_seq_id_2 
_ndb_struct_na_base_pair_step.i_PDB_ins_code_2 
_ndb_struct_na_base_pair_step.j_auth_asym_id_2 
_ndb_struct_na_base_pair_step.j_auth_seq_id_2 
_ndb_struct_na_base_pair_step.j_PDB_ins_code_2 
1 A DA 6 1_555 B DT 5 1_555 A DG 7  1_555 B DC 4 1_555 0.174  0.913 2.426 -14.036 1.589  33.614 1.299 -1.726 2.221 2.609  23.048 
36.382 1 AA_DA6DG7:DC14DT15_BB  A 6 ? B 15 ? A 7  ? B 14 ? 
1 A DG 7 1_555 B DC 4 1_555 A DC 8  1_555 B DG 3 1_555 -1.082 0.427 3.453 0.762   -2.150 41.913 0.831 1.594  3.409 -3.004 -1.065 
41.973 2 AA_DG7DC8:DG13DC14_BB  A 7 ? B 14 ? A 8  ? B 13 ? 
1 A DC 8 1_555 B DG 3 1_555 A DG 9  1_555 B DC 2 1_555 0.872  1.010 3.454 3.557   4.869  33.248 0.877 -0.872 3.633 8.424  -6.153 
33.776 3 AA_DC8DG9:DC12DG13_BB  A 8 ? B 13 ? A 9  ? B 12 ? 
1 A DG 9 1_555 B DC 2 1_555 A DG 10 1_555 B DC 1 1_555 -0.287 1.540 3.045 -4.601  2.589  36.656 2.094 -0.136 3.154 4.090  7.270  
37.022 4 AA_DG9DG10:DC11DC12_BB A 9 ? B 12 ? A 10 ? B 11 ? 
# 
_atom_sites.entry_id                    1FHY 
_atom_sites.fract_transf_matrix[1][1]   -0.01590575 
_atom_sites.fract_transf_matrix[1][2]   -0.00812643 
_atom_sites.fract_transf_matrix[1][3]   -0.00481923 
_atom_sites.fract_transf_matrix[2][1]   -0.02118953 
_atom_sites.fract_transf_matrix[2][2]   0.03423564 
_atom_sites.fract_transf_matrix[2][3]   0.01220565 
_atom_sites.fract_transf_matrix[3][1]   -0.01442769 
_atom_sites.fract_transf_matrix[3][2]   0.00023899 
_atom_sites.fract_transf_matrix[3][3]   -0.02571742 
_atom_sites.fract_transf_vector[1]      0.343058 
_atom_sites.fract_transf_vector[2]      0.484618 
_atom_sites.fract_transf_vector[3]      0.316385 
# 
loop_
_atom_type.symbol 
C  
CA 
N  
O  
P  
# 
loop_
_atom_site.group_PDB 
_atom_site.id 
_atom_site.type_symbol 
_atom_site.label_atom_id 
_atom_site.label_alt_id 
_atom_site.label_comp_id 
_atom_site.label_asym_id 
_atom_site.label_entity_id 
_atom_site.label_seq_id 
_atom_site.pdbx_PDB_ins_code 
_atom_site.Cartn_x 
_atom_site.Cartn_y 
_atom_site.Cartn_z 
_atom_site.occupancy 
_atom_site.B_iso_or_equiv 
_atom_site.pdbx_formal_charge 
_atom_site.auth_seq_id 
_atom_site.auth_comp_id 
_atom_site.auth_asym_id 
_atom_site.auth_atom_id 
_atom_site.pdbx_PDB_model_num 
ATOM   1   O  "O5'" . DC  A 1 1  ? 1.745   -6.699  -21.766 1.00 71.17 ? 1  DC  A "O5'" 1 
ATOM   2   C  "C5'" . DC  A 1 1  ? 3.073   -6.178  -21.550 1.00 65.97 ? 1  DC  A "C5'" 1 
ATOM   3   C  "C4'" . DC  A 1 1  ? 3.363   -5.757  -20.125 1.00 59.05 ? 1  DC  A "C4'" 1 
ATOM   4   O  "O4'" . DC  A 1 1  ? 3.039   -4.366  -19.917 1.00 53.83 ? 1  DC  A "O4'" 1 
ATOM   5   C  "C3'" . DC  A 1 1  ? 2.588   -6.518  -19.062 1.00 55.18 ? 1  DC  A "C3'" 1 
ATOM   6   O  "O3'" . DC  A 1 1  ? 3.381   -6.458  -17.871 1.00 63.26 ? 1  DC  A "O3'" 1 
ATOM   7   C  "C2'" . DC  A 1 1  ? 1.350   -5.660  -18.894 1.00 49.20 ? 1  DC  A "C2'" 1 
ATOM   8   C  "C1'" . DC  A 1 1  ? 1.897   -4.251  -19.072 1.00 47.68 ? 1  DC  A "C1'" 1 
ATOM   9   N  N1    . DC  A 1 1  ? 0.980   -3.281  -19.698 1.00 42.94 ? 1  DC  A N1    1 
ATOM   10  C  C2    . DC  A 1 1  ? 0.766   -2.058  -19.061 1.00 40.31 ? 1  DC  A C2    1 
ATOM   11  O  O2    . DC  A 1 1  ? 1.267   -1.872  -17.947 1.00 36.46 ? 1  DC  A O2    1 
ATOM   12  N  N3    . DC  A 1 1  ? 0.017   -1.113  -19.673 1.00 36.77 ? 1  DC  A N3    1 
ATOM   13  C  C4    . DC  A 1 1  ? -0.518  -1.359  -20.864 1.00 34.40 ? 1  DC  A C4    1 
ATOM   14  N  N4    . DC  A 1 1  ? -1.198  -0.374  -21.453 1.00 37.23 ? 1  DC  A N4    1 
ATOM   15  C  C5    . DC  A 1 1  ? -0.366  -2.619  -21.513 1.00 36.82 ? 1  DC  A C5    1 
ATOM   16  C  C6    . DC  A 1 1  ? 0.382   -3.544  -20.898 1.00 39.60 ? 1  DC  A C6    1 
ATOM   17  P  P     . DC  A 1 2  ? 3.440   -7.721  -16.882 1.00 66.49 ? 2  DC  A P     1 
ATOM   18  O  OP1   . DC  A 1 2  ? 4.863   -7.887  -16.487 1.00 65.33 ? 2  DC  A OP1   1 
ATOM   19  O  OP2   . DC  A 1 2  ? 2.709   -8.858  -17.504 1.00 65.61 ? 2  DC  A OP2   1 
ATOM   20  O  "O5'" . DC  A 1 2  ? 2.611   -7.237  -15.607 1.00 68.93 ? 2  DC  A "O5'" 1 
ATOM   21  C  "C5'" . DC  A 1 2  ? 3.015   -6.073  -14.847 1.00 64.89 ? 2  DC  A "C5'" 1 
ATOM   22  C  "C4'" . DC  A 1 2  ? 1.873   -5.584  -13.983 1.00 58.88 ? 2  DC  A "C4'" 1 
ATOM   23  O  "O4'" . DC  A 1 2  ? 0.980   -4.698  -14.691 1.00 57.45 ? 2  DC  A "O4'" 1 
ATOM   24  C  "C3'" . DC  A 1 2  ? 0.988   -6.690  -13.413 1.00 57.81 ? 2  DC  A "C3'" 1 
ATOM   25  O  "O3'" . DC  A 1 2  ? 0.553   -6.234  -12.137 1.00 55.05 ? 2  DC  A "O3'" 1 
ATOM   26  C  "C2'" . DC  A 1 2  ? -0.211  -6.673  -14.339 1.00 52.53 ? 2  DC  A "C2'" 1 
ATOM   27  C  "C1'" . DC  A 1 2  ? -0.350  -5.179  -14.542 1.00 53.07 ? 2  DC  A "C1'" 1 
ATOM   28  N  N1    . DC  A 1 2  ? -1.116  -4.758  -15.716 1.00 42.74 ? 2  DC  A N1    1 
ATOM   29  C  C2    . DC  A 1 2  ? -1.657  -3.475  -15.721 1.00 39.08 ? 2  DC  A C2    1 
ATOM   30  O  O2    . DC  A 1 2  ? -1.529  -2.775  -14.714 1.00 47.32 ? 2  DC  A O2    1 
ATOM   31  N  N3    . DC  A 1 2  ? -2.301  -3.028  -16.814 1.00 34.29 ? 2  DC  A N3    1 
ATOM   32  C  C4    . DC  A 1 2  ? -2.413  -3.813  -17.879 1.00 35.79 ? 2  DC  A C4    1 
ATOM   33  N  N4    . DC  A 1 2  ? -2.988  -3.309  -18.967 1.00 35.48 ? 2  DC  A N4    1 
ATOM   34  C  C5    . DC  A 1 2  ? -1.917  -5.152  -17.887 1.00 42.58 ? 2  DC  A C5    1 
ATOM   35  C  C6    . DC  A 1 2  ? -1.279  -5.581  -16.789 1.00 43.51 ? 2  DC  A C6    1 
ATOM   36  P  P     . DG  A 1 3  ? 1.011   -7.025  -10.839 1.00 53.39 ? 3  DG  A P     1 
ATOM   37  O  OP1   . DG  A 1 3  ? 2.492   -6.915  -10.803 1.00 48.40 ? 3  DG  A OP1   1 
ATOM   38  O  OP2   . DG  A 1 3  ? 0.358   -8.362  -10.915 1.00 52.50 ? 3  DG  A OP2   1 
ATOM   39  O  "O5'" . DG  A 1 3  ? 0.389   -6.186  -9.642  1.00 47.34 ? 3  DG  A "O5'" 1 
ATOM   40  C  "C5'" . DG  A 1 3  ? 0.783   -4.832  -9.427  1.00 39.31 ? 3  DG  A "C5'" 1 
ATOM   41  C  "C4'" . DG  A 1 3  ? -0.437  -3.982  -9.174  1.00 31.89 ? 3  DG  A "C4'" 1 
ATOM   42  O  "O4'" . DG  A 1 3  ? -1.270  -3.938  -10.349 1.00 32.21 ? 3  DG  A "O4'" 1 
ATOM   43  C  "C3'" . DG  A 1 3  ? -1.330  -4.520  -8.065  1.00 31.26 ? 3  DG  A "C3'" 1 
ATOM   44  O  "O3'" . DG  A 1 3  ? -2.013  -3.373  -7.575  1.00 35.53 ? 3  DG  A "O3'" 1 
ATOM   45  C  "C2'" . DG  A 1 3  ? -2.332  -5.363  -8.829  1.00 29.35 ? 3  DG  A "C2'" 1 
ATOM   46  C  "C1'" . DG  A 1 3  ? -2.545  -4.479  -10.040 1.00 29.66 ? 3  DG  A "C1'" 1 
ATOM   47  N  N9    . DG  A 1 3  ? -3.033  -5.140  -11.235 1.00 30.79 ? 3  DG  A N9    1 
ATOM   48  C  C8    . DG  A 1 3  ? -2.952  -6.464  -11.577 1.00 24.13 ? 3  DG  A C8    1 
ATOM   49  N  N7    . DG  A 1 3  ? -3.434  -6.709  -12.759 1.00 27.40 ? 3  DG  A N7    1 
ATOM   50  C  C5    . DG  A 1 3  ? -3.864  -5.470  -13.215 1.00 30.67 ? 3  DG  A C5    1 
ATOM   51  C  C6    . DG  A 1 3  ? -4.482  -5.089  -14.450 1.00 30.84 ? 3  DG  A C6    1 
ATOM   52  O  O6    . DG  A 1 3  ? -4.757  -5.800  -15.430 1.00 25.38 ? 3  DG  A O6    1 
ATOM   53  N  N1    . DG  A 1 3  ? -4.763  -3.724  -14.481 1.00 25.96 ? 3  DG  A N1    1 
ATOM   54  C  C2    . DG  A 1 3  ? -4.478  -2.844  -13.457 1.00 27.97 ? 3  DG  A C2    1 
ATOM   55  N  N2    . DG  A 1 3  ? -4.832  -1.574  -13.641 1.00 31.04 ? 3  DG  A N2    1 
ATOM   56  N  N3    . DG  A 1 3  ? -3.896  -3.184  -12.326 1.00 28.34 ? 3  DG  A N3    1 
ATOM   57  C  C4    . DG  A 1 3  ? -3.628  -4.501  -12.273 1.00 30.33 ? 3  DG  A C4    1 
ATOM   58  P  P     . DC  A 1 4  ? -2.553  -3.353  -6.080  1.00 35.93 ? 4  DC  A P     1 
ATOM   59  O  OP1   . DC  A 1 4  ? -1.417  -2.899  -5.244  1.00 39.71 ? 4  DC  A OP1   1 
ATOM   60  O  OP2   . DC  A 1 4  ? -3.199  -4.666  -5.818  1.00 33.00 ? 4  DC  A OP2   1 
ATOM   61  O  "O5'" . DC  A 1 4  ? -3.632  -2.182  -6.103  1.00 37.88 ? 4  DC  A "O5'" 1 
ATOM   62  C  "C5'" . DC  A 1 4  ? -3.247  -0.849  -6.501  1.00 34.13 ? 4  DC  A "C5'" 1 
ATOM   63  C  "C4'" . DC  A 1 4  ? -4.397  -0.153  -7.193  1.00 33.18 ? 4  DC  A "C4'" 1 
ATOM   64  O  "O4'" . DC  A 1 4  ? -4.697  -0.836  -8.431  1.00 30.51 ? 4  DC  A "O4'" 1 
ATOM   65  C  "C3'" . DC  A 1 4  ? -5.694  -0.142  -6.382  1.00 31.34 ? 4  DC  A "C3'" 1 
ATOM   66  O  "O3'" . DC  A 1 4  ? -6.311  1.151   -6.486  1.00 32.25 ? 4  DC  A "O3'" 1 
ATOM   67  C  "C2'" . DC  A 1 4  ? -6.537  -1.218  -7.036  1.00 28.94 ? 4  DC  A "C2'" 1 
ATOM   68  C  "C1'" . DC  A 1 4  ? -6.066  -1.189  -8.477  1.00 28.58 ? 4  DC  A "C1'" 1 
ATOM   69  N  N1    . DC  A 1 4  ? -6.174  -2.477  -9.176  1.00 28.81 ? 4  DC  A N1    1 
ATOM   70  C  C2    . DC  A 1 4  ? -6.790  -2.511  -10.430 1.00 25.07 ? 4  DC  A C2    1 
ATOM   71  O  O2    . DC  A 1 4  ? -7.239  -1.461  -10.901 1.00 22.75 ? 4  DC  A O2    1 
ATOM   72  N  N3    . DC  A 1 4  ? -6.889  -3.684  -11.085 1.00 21.29 ? 4  DC  A N3    1 
ATOM   73  C  C4    . DC  A 1 4  ? -6.418  -4.796  -10.526 1.00 24.32 ? 4  DC  A C4    1 
ATOM   74  N  N4    . DC  A 1 4  ? -6.546  -5.926  -11.200 1.00 23.23 ? 4  DC  A N4    1 
ATOM   75  C  C5    . DC  A 1 4  ? -5.790  -4.794  -9.245  1.00 27.78 ? 4  DC  A C5    1 
ATOM   76  C  C6    . DC  A 1 4  ? -5.687  -3.623  -8.613  1.00 29.41 ? 4  DC  A C6    1 
ATOM   77  P  P     . DT  A 1 5  ? -5.844  2.326   -5.487  1.00 32.68 ? 5  DT  A P     1 
ATOM   78  O  OP1   . DT  A 1 5  ? -6.396  3.621   -5.961  1.00 34.73 ? 5  DT  A OP1   1 
ATOM   79  O  OP2   . DT  A 1 5  ? -4.377  2.172   -5.348  1.00 35.50 ? 5  DT  A OP2   1 
ATOM   80  O  "O5'" . DT  A 1 5  ? -6.533  1.944   -4.102  1.00 27.83 ? 5  DT  A "O5'" 1 
ATOM   81  C  "C5'" . DT  A 1 5  ? -7.954  1.732   -4.020  1.00 33.19 ? 5  DT  A "C5'" 1 
ATOM   82  C  "C4'" . DT  A 1 5  ? -8.423  1.775   -2.583  1.00 32.51 ? 5  DT  A "C4'" 1 
ATOM   83  O  "O4'" . DT  A 1 5  ? -8.160  0.518   -1.917  1.00 36.15 ? 5  DT  A "O4'" 1 
ATOM   84  C  "C3'" . DT  A 1 5  ? -7.786  2.861   -1.716  1.00 42.93 ? 5  DT  A "C3'" 1 
ATOM   85  O  "O3'" . DT  A 1 5  ? -8.797  3.537   -0.957  1.00 44.97 ? 5  DT  A "O3'" 1 
ATOM   86  C  "C2'" . DT  A 1 5  ? -6.875  2.098   -0.774  1.00 38.63 ? 5  DT  A "C2'" 1 
ATOM   87  C  "C1'" . DT  A 1 5  ? -7.538  0.736   -0.656  1.00 38.88 ? 5  DT  A "C1'" 1 
ATOM   88  N  N1    . DT  A 1 5  ? -6.537  -0.336  -0.478  1.00 34.01 ? 5  DT  A N1    1 
ATOM   89  C  C2    . DT  A 1 5  ? -6.725  -1.384  0.363   1.00 25.12 ? 5  DT  A C2    1 
ATOM   90  O  O2    . DT  A 1 5  ? -7.566  -1.326  1.233   1.00 27.91 ? 5  DT  A O2    1 
ATOM   91  N  N3    . DT  A 1 5  ? -5.882  -2.475  0.199   1.00 24.49 ? 5  DT  A N3    1 
ATOM   92  C  C4    . DT  A 1 5  ? -4.864  -2.670  -0.740  1.00 35.85 ? 5  DT  A C4    1 
ATOM   93  O  O4    . DT  A 1 5  ? -4.231  -3.727  -0.718  1.00 31.82 ? 5  DT  A O4    1 
ATOM   94  C  C5    . DT  A 1 5  ? -4.617  -1.498  -1.699  1.00 37.88 ? 5  DT  A C5    1 
ATOM   95  C  C7    . DT  A 1 5  ? -4.836  -1.983  -3.102  1.00 32.88 ? 5  DT  A C7    1 
ATOM   96  C  C6    . DT  A 1 5  ? -5.525  -0.284  -1.472  1.00 39.16 ? 5  DT  A C6    1 
ATOM   97  P  P     . DA  A 1 6  ? -8.589  5.084   -0.575  1.00 48.12 ? 6  DA  A P     1 
ATOM   98  O  OP1   . DA  A 1 6  ? -9.914  5.645   -0.186  1.00 48.53 ? 6  DA  A OP1   1 
ATOM   99  O  OP2   . DA  A 1 6  ? -7.810  5.717   -1.692  1.00 47.21 ? 6  DA  A OP2   1 
ATOM   100 O  "O5'" . DA  A 1 6  ? -7.637  5.037   0.703   1.00 46.08 ? 6  DA  A "O5'" 1 
ATOM   101 C  "C5'" . DA  A 1 6  ? -7.925  4.167   1.812   1.00 41.65 ? 6  DA  A "C5'" 1 
ATOM   102 C  "C4'" . DA  A 1 6  ? -6.852  4.294   2.869   1.00 33.56 ? 6  DA  A "C4'" 1 
ATOM   103 O  "O4'" . DA  A 1 6  ? -5.675  3.557   2.485   1.00 29.11 ? 6  DA  A "O4'" 1 
ATOM   104 C  "C3'" . DA  A 1 6  ? -6.387  5.721   3.119   1.00 32.31 ? 6  DA  A "C3'" 1 
ATOM   105 O  "O3'" . DA  A 1 6  ? -6.041  5.810   4.501   1.00 42.32 ? 6  DA  A "O3'" 1 
ATOM   106 C  "C2'" . DA  A 1 6  ? -5.142  5.829   2.260   1.00 28.13 ? 6  DA  A "C2'" 1 
ATOM   107 C  "C1'" . DA  A 1 6  ? -4.567  4.428   2.334   1.00 20.93 ? 6  DA  A "C1'" 1 
ATOM   108 N  N9    . DA  A 1 6  ? -3.832  3.986   1.155   1.00 24.98 ? 6  DA  A N9    1 
ATOM   109 C  C8    . DA  A 1 6  ? -4.184  4.136   -0.156  1.00 20.77 ? 6  DA  A C8    1 
ATOM   110 N  N7    . DA  A 1 6  ? -3.355  3.557   -0.993  1.00 29.07 ? 6  DA  A N7    1 
ATOM   111 C  C5    . DA  A 1 6  ? -2.384  3.002   -0.173  1.00 22.36 ? 6  DA  A C5    1 
ATOM   112 C  C6    . DA  A 1 6  ? -1.228  2.257   -0.446  1.00 21.35 ? 6  DA  A C6    1 
ATOM   113 N  N6    . DA  A 1 6  ? -0.846  1.903   -1.662  1.00 25.92 ? 6  DA  A N6    1 
ATOM   114 N  N1    . DA  A 1 6  ? -0.472  1.864   0.594   1.00 26.83 ? 6  DA  A N1    1 
ATOM   115 C  C2    . DA  A 1 6  ? -0.868  2.193   1.826   1.00 25.55 ? 6  DA  A C2    1 
ATOM   116 N  N3    . DA  A 1 6  ? -1.935  2.885   2.211   1.00 23.64 ? 6  DA  A N3    1 
ATOM   117 C  C4    . DA  A 1 6  ? -2.660  3.268   1.150   1.00 22.71 ? 6  DA  A C4    1 
ATOM   118 P  P     . DG  A 1 7  ? -5.761  7.244   5.162   1.00 47.22 ? 7  DG  A P     1 
ATOM   119 O  OP1   . DG  A 1 7  ? -6.221  7.192   6.573   1.00 43.97 ? 7  DG  A OP1   1 
ATOM   120 O  OP2   . DG  A 1 7  ? -6.288  8.292   4.250   1.00 43.71 ? 7  DG  A OP2   1 
ATOM   121 O  "O5'" . DG  A 1 7  ? -4.175  7.365   5.154   1.00 45.68 ? 7  DG  A "O5'" 1 
ATOM   122 C  "C5'" . DG  A 1 7  ? -3.361  6.477   5.925   1.00 38.63 ? 7  DG  A "C5'" 1 
ATOM   123 C  "C4'" . DG  A 1 7  ? -1.905  6.721   5.612   1.00 33.55 ? 7  DG  A "C4'" 1 
ATOM   124 O  "O4'" . DG  A 1 7  ? -1.592  6.149   4.324   1.00 28.37 ? 7  DG  A "O4'" 1 
ATOM   125 C  "C3'" . DG  A 1 7  ? -1.558  8.211   5.505   1.00 33.79 ? 7  DG  A "C3'" 1 
ATOM   126 O  "O3'" . DG  A 1 7  ? -0.185  8.395   5.872   1.00 40.80 ? 7  DG  A "O3'" 1 
ATOM   127 C  "C2'" . DG  A 1 7  ? -1.606  8.446   4.009   1.00 33.37 ? 7  DG  A "C2'" 1 
ATOM   128 C  "C1'" . DG  A 1 7  ? -0.972  7.153   3.553   1.00 26.03 ? 7  DG  A "C1'" 1 
ATOM   129 N  N9    . DG  A 1 7  ? -1.095  6.815   2.141   1.00 27.10 ? 7  DG  A N9    1 
ATOM   130 C  C8    . DG  A 1 7  ? -1.989  7.297   1.212   1.00 16.90 ? 7  DG  A C8    1 
ATOM   131 N  N7    . DG  A 1 7  ? -1.747  6.860   0.003   1.00 27.04 ? 7  DG  A N7    1 
ATOM   132 C  C5    . DG  A 1 7  ? -0.641  6.030   0.154   1.00 26.43 ? 7  DG  A C5    1 
ATOM   133 C  C6    . DG  A 1 7  ? 0.086   5.259   -0.802  1.00 31.19 ? 7  DG  A C6    1 
ATOM   134 O  O6    . DG  A 1 7  ? -0.082  5.187   -2.035  1.00 32.06 ? 7  DG  A O6    1 
ATOM   135 N  N1    . DG  A 1 7  ? 1.127   4.548   -0.201  1.00 22.85 ? 7  DG  A N1    1 
ATOM   136 C  C2    . DG  A 1 7  ? 1.436   4.584   1.130   1.00 21.37 ? 7  DG  A C2    1 
ATOM   137 N  N2    . DG  A 1 7  ? 2.492   3.854   1.522   1.00 24.79 ? 7  DG  A N2    1 
ATOM   138 N  N3    . DG  A 1 7  ? 0.770   5.289   2.023   1.00 23.44 ? 7  DG  A N3    1 
ATOM   139 C  C4    . DG  A 1 7  ? -0.246  5.978   1.470   1.00 24.77 ? 7  DG  A C4    1 
ATOM   140 P  P     . DC  A 1 8  ? 0.203   8.876   7.357   1.00 43.62 ? 8  DC  A P     1 
ATOM   141 O  OP1   . DC  A 1 8  ? -0.687  8.186   8.338   1.00 46.00 ? 8  DC  A OP1   1 
ATOM   142 O  OP2   . DC  A 1 8  ? 0.308   10.359  7.369   1.00 41.64 ? 8  DC  A OP2   1 
ATOM   143 O  "O5'" . DC  A 1 8  ? 1.657   8.271   7.568   1.00 38.20 ? 8  DC  A "O5'" 1 
ATOM   144 C  "C5'" . DC  A 1 8  ? 1.826   6.882   7.865   1.00 28.60 ? 8  DC  A "C5'" 1 
ATOM   145 C  "C4'" . DC  A 1 8  ? 3.176   6.420   7.373   1.00 22.95 ? 8  DC  A "C4'" 1 
ATOM   146 O  "O4'" . DC  A 1 8  ? 3.158   6.322   5.934   1.00 29.90 ? 8  DC  A "O4'" 1 
ATOM   147 C  "C3'" . DC  A 1 8  ? 4.298   7.392   7.710   1.00 25.24 ? 8  DC  A "C3'" 1 
ATOM   148 O  "O3'" . DC  A 1 8  ? 5.455   6.592   7.917   1.00 24.84 ? 8  DC  A "O3'" 1 
ATOM   149 C  "C2'" . DC  A 1 8  ? 4.437   8.213   6.441   1.00 26.74 ? 8  DC  A "C2'" 1 
ATOM   150 C  "C1'" . DC  A 1 8  ? 4.137   7.179   5.372   1.00 26.52 ? 8  DC  A "C1'" 1 
ATOM   151 N  N1    . DC  A 1 8  ? 3.585   7.687   4.121   1.00 27.85 ? 8  DC  A N1    1 
ATOM   152 C  C2    . DC  A 1 8  ? 4.030   7.143   2.912   1.00 28.74 ? 8  DC  A C2    1 
ATOM   153 O  O2    . DC  A 1 8  ? 4.997   6.366   2.915   1.00 26.77 ? 8  DC  A O2    1 
ATOM   154 N  N3    . DC  A 1 8  ? 3.392   7.482   1.772   1.00 24.44 ? 8  DC  A N3    1 
ATOM   155 C  C4    . DC  A 1 8  ? 2.369   8.341   1.809   1.00 24.11 ? 8  DC  A C4    1 
ATOM   156 N  N4    . DC  A 1 8  ? 1.702   8.573   0.675   1.00 30.02 ? 8  DC  A N4    1 
ATOM   157 C  C5    . DC  A 1 8  ? 1.967   8.983   3.008   1.00 21.44 ? 8  DC  A C5    1 
ATOM   158 C  C6    . DC  A 1 8  ? 2.597   8.631   4.133   1.00 32.84 ? 8  DC  A C6    1 
ATOM   159 P  P     . DG  A 1 9  ? 6.778   7.254   8.509   1.00 30.78 ? 9  DG  A P     1 
ATOM   160 O  OP1   . DG  A 1 9  ? 7.404   6.218   9.375   1.00 24.83 ? 9  DG  A OP1   1 
ATOM   161 O  OP2   . DG  A 1 9  ? 6.418   8.581   9.077   1.00 28.75 ? 9  DG  A OP2   1 
ATOM   162 O  "O5'" . DG  A 1 9  ? 7.702   7.451   7.222   1.00 28.98 ? 9  DG  A "O5'" 1 
ATOM   163 C  "C5'" . DG  A 1 9  ? 8.366   6.321   6.615   1.00 25.32 ? 9  DG  A "C5'" 1 
ATOM   164 C  "C4'" . DG  A 1 9  ? 9.293   6.771   5.508   1.00 28.59 ? 9  DG  A "C4'" 1 
ATOM   165 O  "O4'" . DG  A 1 9  ? 8.510   7.262   4.401   1.00 31.70 ? 9  DG  A "O4'" 1 
ATOM   166 C  "C3'" . DG  A 1 9  ? 10.261  7.893   5.865   1.00 25.41 ? 9  DG  A "C3'" 1 
ATOM   167 O  "O3'" . DG  A 1 9  ? 11.456  7.700   5.098   1.00 30.95 ? 9  DG  A "O3'" 1 
ATOM   168 C  "C2'" . DG  A 1 9  ? 9.529   9.125   5.373   1.00 27.02 ? 9  DG  A "C2'" 1 
ATOM   169 C  "C1'" . DG  A 1 9  ? 8.865   8.603   4.115   1.00 29.63 ? 9  DG  A "C1'" 1 
ATOM   170 N  N9    . DG  A 1 9  ? 7.655   9.299   3.688   1.00 31.25 ? 9  DG  A N9    1 
ATOM   171 C  C8    . DG  A 1 9  ? 6.798   10.069  4.446   1.00 30.98 ? 9  DG  A C8    1 
ATOM   172 N  N7    . DG  A 1 9  ? 5.789   10.534  3.760   1.00 29.09 ? 9  DG  A N7    1 
ATOM   173 C  C5    . DG  A 1 9  ? 5.998   10.049  2.473   1.00 27.38 ? 9  DG  A C5    1 
ATOM   174 C  C6    . DG  A 1 9  ? 5.238   10.225  1.279   1.00 23.17 ? 9  DG  A C6    1 
ATOM   175 O  O6    . DG  A 1 9  ? 4.192   10.869  1.112   1.00 23.46 ? 9  DG  A O6    1 
ATOM   176 N  N1    . DG  A 1 9  ? 5.814   9.554   0.206   1.00 16.96 ? 9  DG  A N1    1 
ATOM   177 C  C2    . DG  A 1 9  ? 6.973   8.810   0.271   1.00 21.49 ? 9  DG  A C2    1 
ATOM   178 N  N2    . DG  A 1 9  ? 7.373   8.213   -0.861  1.00 20.47 ? 9  DG  A N2    1 
ATOM   179 N  N3    . DG  A 1 9  ? 7.688   8.652   1.367   1.00 22.54 ? 9  DG  A N3    1 
ATOM   180 C  C4    . DG  A 1 9  ? 7.147   9.289   2.419   1.00 22.48 ? 9  DG  A C4    1 
ATOM   181 P  P     . DG  A 1 10 ? 12.872  8.194   5.677   1.00 32.97 ? 10 DG  A P     1 
ATOM   182 O  OP1   . DG  A 1 10 ? 13.309  7.198   6.645   1.00 38.86 ? 10 DG  A OP1   1 
ATOM   183 O  OP2   . DG  A 1 10 ? 12.802  9.623   6.085   1.00 33.29 ? 10 DG  A OP2   1 
ATOM   184 O  "O5'" . DG  A 1 10 ? 13.842  8.054   4.424   1.00 37.06 ? 10 DG  A "O5'" 1 
ATOM   185 C  "C5'" . DG  A 1 10 ? 13.599  7.038   3.431   1.00 34.61 ? 10 DG  A "C5'" 1 
ATOM   186 C  "C4'" . DG  A 1 10 ? 13.706  7.628   2.043   1.00 38.75 ? 10 DG  A "C4'" 1 
ATOM   187 O  "O4'" . DG  A 1 10 ? 12.495  8.330   1.658   1.00 31.24 ? 10 DG  A "O4'" 1 
ATOM   188 C  "C3'" . DG  A 1 10 ? 14.839  8.652   1.935   1.00 35.01 ? 10 DG  A "C3'" 1 
ATOM   189 O  "O3'" . DG  A 1 10 ? 15.352  8.583   0.613   1.00 40.60 ? 10 DG  A "O3'" 1 
ATOM   190 C  "C2'" . DG  A 1 10 ? 14.112  9.972   2.103   1.00 32.64 ? 10 DG  A "C2'" 1 
ATOM   191 C  "C1'" . DG  A 1 10 ? 12.799  9.694   1.394   1.00 30.79 ? 10 DG  A "C1'" 1 
ATOM   192 N  N9    . DG  A 1 10 ? 11.672  10.501  1.844   1.00 25.28 ? 10 DG  A N9    1 
ATOM   193 C  C8    . DG  A 1 10 ? 11.445  10.999  3.100   1.00 28.03 ? 10 DG  A C8    1 
ATOM   194 N  N7    . DG  A 1 10 ? 10.325  11.662  3.194   1.00 26.90 ? 10 DG  A N7    1 
ATOM   195 C  C5    . DG  A 1 10 ? 9.793   11.612  1.916   1.00 26.49 ? 10 DG  A C5    1 
ATOM   196 C  C6    . DG  A 1 10 ? 8.589   12.167  1.391   1.00 29.76 ? 10 DG  A C6    1 
ATOM   197 O  O6    . DG  A 1 10 ? 7.731   12.854  1.971   1.00 32.14 ? 10 DG  A O6    1 
ATOM   198 N  N1    . DG  A 1 10 ? 8.431   11.861  0.044   1.00 19.81 ? 10 DG  A N1    1 
ATOM   199 C  C2    . DG  A 1 10 ? 9.320   11.132  -0.702  1.00 22.39 ? 10 DG  A C2    1 
ATOM   200 N  N2    . DG  A 1 10 ? 8.988   10.925  -1.975  1.00 18.88 ? 10 DG  A N2    1 
ATOM   201 N  N3    . DG  A 1 10 ? 10.449  10.633  -0.234  1.00 24.01 ? 10 DG  A N3    1 
ATOM   202 C  C4    . DG  A 1 10 ? 10.616  10.902  1.074   1.00 26.85 ? 10 DG  A C4    1 
ATOM   203 O  "O5'" . DC  B 1 1  ? 2.263   16.035  -4.651  1.00 57.35 ? 11 DC  B "O5'" 1 
ATOM   204 C  "C5'" . DC  B 1 1  ? 3.144   16.598  -5.647  1.00 60.68 ? 11 DC  B "C5'" 1 
ATOM   205 C  "C4'" . DC  B 1 1  ? 4.248   15.656  -6.081  1.00 57.97 ? 11 DC  B "C4'" 1 
ATOM   206 O  "O4'" . DC  B 1 1  ? 5.077   15.346  -4.940  1.00 58.27 ? 11 DC  B "O4'" 1 
ATOM   207 C  "C3'" . DC  B 1 1  ? 3.733   14.316  -6.597  1.00 57.20 ? 11 DC  B "C3'" 1 
ATOM   208 O  "O3'" . DC  B 1 1  ? 4.665   13.775  -7.553  1.00 58.45 ? 11 DC  B "O3'" 1 
ATOM   209 C  "C2'" . DC  B 1 1  ? 3.706   13.466  -5.339  1.00 52.78 ? 11 DC  B "C2'" 1 
ATOM   210 C  "C1'" . DC  B 1 1  ? 4.903   13.982  -4.556  1.00 51.24 ? 11 DC  B "C1'" 1 
ATOM   211 N  N1    . DC  B 1 1  ? 4.780   13.936  -3.084  1.00 41.54 ? 11 DC  B N1    1 
ATOM   212 C  C2    . DC  B 1 1  ? 5.766   13.266  -2.341  1.00 39.15 ? 11 DC  B C2    1 
ATOM   213 O  O2    . DC  B 1 1  ? 6.650   12.651  -2.944  1.00 40.37 ? 11 DC  B O2    1 
ATOM   214 N  N3    . DC  B 1 1  ? 5.725   13.307  -0.989  1.00 31.55 ? 11 DC  B N3    1 
ATOM   215 C  C4    . DC  B 1 1  ? 4.741   13.965  -0.377  1.00 35.97 ? 11 DC  B C4    1 
ATOM   216 N  N4    . DC  B 1 1  ? 4.762   14.025  0.955   1.00 38.57 ? 11 DC  B N4    1 
ATOM   217 C  C5    . DC  B 1 1  ? 3.694   14.606  -1.104  1.00 37.12 ? 11 DC  B C5    1 
ATOM   218 C  C6    . DC  B 1 1  ? 3.752   14.566  -2.444  1.00 42.44 ? 11 DC  B C6    1 
ATOM   219 P  P     . DC  B 1 2  ? 4.120   12.965  -8.838  1.00 61.56 ? 12 DC  B P     1 
ATOM   220 O  OP1   . DC  B 1 2  ? 4.909   13.419  -10.023 1.00 63.24 ? 12 DC  B OP1   1 
ATOM   221 O  OP2   . DC  B 1 2  ? 2.636   13.067  -8.866  1.00 59.65 ? 12 DC  B OP2   1 
ATOM   222 O  "O5'" . DC  B 1 2  ? 4.502   11.447  -8.526  1.00 58.75 ? 12 DC  B "O5'" 1 
ATOM   223 C  "C5'" . DC  B 1 2  ? 5.886   11.029  -8.446  1.00 56.03 ? 12 DC  B "C5'" 1 
ATOM   224 C  "C4'" . DC  B 1 2  ? 6.029   9.764   -7.627  1.00 50.25 ? 12 DC  B "C4'" 1 
ATOM   225 O  "O4'" . DC  B 1 2  ? 5.795   10.026  -6.224  1.00 41.82 ? 12 DC  B "O4'" 1 
ATOM   226 C  "C3'" . DC  B 1 2  ? 5.095   8.604   -8.001  1.00 52.83 ? 12 DC  B "C3'" 1 
ATOM   227 O  "O3'" . DC  B 1 2  ? 5.807   7.369   -7.844  1.00 56.25 ? 12 DC  B "O3'" 1 
ATOM   228 C  "C2'" . DC  B 1 2  ? 4.036   8.662   -6.918  1.00 44.62 ? 12 DC  B "C2'" 1 
ATOM   229 C  "C1'" . DC  B 1 2  ? 4.877   9.066   -5.724  1.00 40.51 ? 12 DC  B "C1'" 1 
ATOM   230 N  N1    . DC  B 1 2  ? 4.141   9.675   -4.605  1.00 36.82 ? 12 DC  B N1    1 
ATOM   231 C  C2    . DC  B 1 2  ? 4.714   9.636   -3.330  1.00 27.91 ? 12 DC  B C2    1 
ATOM   232 O  O2    . DC  B 1 2  ? 5.792   9.049   -3.180  1.00 24.03 ? 12 DC  B O2    1 
ATOM   233 N  N3    . DC  B 1 2  ? 4.075   10.238  -2.299  1.00 31.28 ? 12 DC  B N3    1 
ATOM   234 C  C4    . DC  B 1 2  ? 2.900   10.850  -2.509  1.00 36.48 ? 12 DC  B C4    1 
ATOM   235 N  N4    . DC  B 1 2  ? 2.305   11.465  -1.474  1.00 40.30 ? 12 DC  B N4    1 
ATOM   236 C  C5    . DC  B 1 2  ? 2.280   10.870  -3.792  1.00 29.73 ? 12 DC  B C5    1 
ATOM   237 C  C6    . DC  B 1 2  ? 2.930   10.279  -4.801  1.00 32.29 ? 12 DC  B C6    1 
ATOM   238 P  P     . DG  B 1 3  ? 5.585   6.169   -8.892  1.00 57.03 ? 13 DG  B P     1 
ATOM   239 O  OP1   . DG  B 1 3  ? 6.213   6.599   -10.172 1.00 62.62 ? 13 DG  B OP1   1 
ATOM   240 O  OP2   . DG  B 1 3  ? 4.168   5.702   -8.882  1.00 55.67 ? 13 DG  B OP2   1 
ATOM   241 O  "O5'" . DG  B 1 3  ? 6.518   5.028   -8.306  1.00 55.97 ? 13 DG  B "O5'" 1 
ATOM   242 C  "C5'" . DG  B 1 3  ? 7.819   5.358   -7.796  1.00 49.38 ? 13 DG  B "C5'" 1 
ATOM   243 C  "C4'" . DG  B 1 3  ? 8.089   4.559   -6.545  1.00 46.71 ? 13 DG  B "C4'" 1 
ATOM   244 O  "O4'" . DG  B 1 3  ? 7.412   5.121   -5.397  1.00 43.49 ? 13 DG  B "O4'" 1 
ATOM   245 C  "C3'" . DG  B 1 3  ? 7.594   3.120   -6.664  1.00 46.06 ? 13 DG  B "C3'" 1 
ATOM   246 O  "O3'" . DG  B 1 3  ? 8.557   2.322   -5.985  1.00 48.24 ? 13 DG  B "O3'" 1 
ATOM   247 C  "C2'" . DG  B 1 3  ? 6.268   3.140   -5.925  1.00 41.79 ? 13 DG  B "C2'" 1 
ATOM   248 C  "C1'" . DG  B 1 3  ? 6.531   4.160   -4.830  1.00 41.32 ? 13 DG  B "C1'" 1 
ATOM   249 N  N9    . DG  B 1 3  ? 5.356   4.871   -4.331  1.00 33.69 ? 13 DG  B N9    1 
ATOM   250 C  C8    . DG  B 1 3  ? 4.293   5.333   -5.066  1.00 28.83 ? 13 DG  B C8    1 
ATOM   251 N  N7    . DG  B 1 3  ? 3.414   5.974   -4.345  1.00 25.81 ? 13 DG  B N7    1 
ATOM   252 C  C5    . DG  B 1 3  ? 3.924   5.928   -3.051  1.00 24.33 ? 13 DG  B C5    1 
ATOM   253 C  C6    . DG  B 1 3  ? 3.406   6.458   -1.824  1.00 25.01 ? 13 DG  B C6    1 
ATOM   254 O  O6    . DG  B 1 3  ? 2.371   7.103   -1.634  1.00 30.08 ? 13 DG  B O6    1 
ATOM   255 N  N1    . DG  B 1 3  ? 4.236   6.175   -0.747  1.00 21.08 ? 13 DG  B N1    1 
ATOM   256 C  C2    . DG  B 1 3  ? 5.407   5.466   -0.814  1.00 28.04 ? 13 DG  B C2    1 
ATOM   257 N  N2    . DG  B 1 3  ? 6.036   5.256   0.374   1.00 18.76 ? 13 DG  B N2    1 
ATOM   258 N  N3    . DG  B 1 3  ? 5.914   4.981   -1.950  1.00 29.43 ? 13 DG  B N3    1 
ATOM   259 C  C4    . DG  B 1 3  ? 5.116   5.241   -3.020  1.00 29.35 ? 13 DG  B C4    1 
ATOM   260 P  P     . DC  B 1 4  ? 8.378   0.736   -5.921  1.00 52.06 ? 14 DC  B P     1 
ATOM   261 O  OP1   . DC  B 1 4  ? 9.732   0.163   -6.183  1.00 52.43 ? 14 DC  B OP1   1 
ATOM   262 O  OP2   . DC  B 1 4  ? 7.209   0.300   -6.747  1.00 43.77 ? 14 DC  B OP2   1 
ATOM   263 O  "O5'" . DC  B 1 4  ? 8.054   0.506   -4.379  1.00 53.05 ? 14 DC  B "O5'" 1 
ATOM   264 C  "C5'" . DC  B 1 4  ? 8.807   1.194   -3.351  1.00 49.48 ? 14 DC  B "C5'" 1 
ATOM   265 C  "C4'" . DC  B 1 4  ? 8.238   0.865   -1.988  1.00 46.18 ? 14 DC  B "C4'" 1 
ATOM   266 O  "O4'" . DC  B 1 4  ? 7.121   1.736   -1.692  1.00 44.48 ? 14 DC  B "O4'" 1 
ATOM   267 C  "C3'" . DC  B 1 4  ? 7.695   -0.565  -1.956  1.00 51.24 ? 14 DC  B "C3'" 1 
ATOM   268 O  "O3'" . DC  B 1 4  ? 8.134   -1.289  -0.807  1.00 59.41 ? 14 DC  B "O3'" 1 
ATOM   269 C  "C2'" . DC  B 1 4  ? 6.189   -0.406  -1.907  1.00 43.88 ? 14 DC  B "C2'" 1 
ATOM   270 C  "C1'" . DC  B 1 4  ? 5.978   0.977   -1.319  1.00 40.36 ? 14 DC  B "C1'" 1 
ATOM   271 N  N1    . DC  B 1 4  ? 4.779   1.632   -1.881  1.00 33.09 ? 14 DC  B N1    1 
ATOM   272 C  C2    . DC  B 1 4  ? 3.894   2.310   -1.025  1.00 29.07 ? 14 DC  B C2    1 
ATOM   273 O  O2    . DC  B 1 4  ? 4.178   2.418   0.170   1.00 25.60 ? 14 DC  B O2    1 
ATOM   274 N  N3    . DC  B 1 4  ? 2.761   2.832   -1.530  1.00 20.33 ? 14 DC  B N3    1 
ATOM   275 C  C4    . DC  B 1 4  ? 2.498   2.718   -2.834  1.00 26.02 ? 14 DC  B C4    1 
ATOM   276 N  N4    . DC  B 1 4  ? 1.350   3.231   -3.292  1.00 29.21 ? 14 DC  B N4    1 
ATOM   277 C  C5    . DC  B 1 4  ? 3.397   2.072   -3.732  1.00 24.38 ? 14 DC  B C5    1 
ATOM   278 C  C6    . DC  B 1 4  ? 4.513   1.550   -3.219  1.00 30.97 ? 14 DC  B C6    1 
ATOM   279 P  P     . DT  B 1 5  ? 7.920   -2.885  -0.751  1.00 62.57 ? 15 DT  B P     1 
ATOM   280 O  OP1   . DT  B 1 5  ? 9.266   -3.509  -0.617  1.00 61.58 ? 15 DT  B OP1   1 
ATOM   281 O  OP2   . DT  B 1 5  ? 7.032   -3.271  -1.883  1.00 59.65 ? 15 DT  B OP2   1 
ATOM   282 O  "O5'" . DT  B 1 5  ? 7.109   -3.111  0.599   1.00 54.11 ? 15 DT  B "O5'" 1 
ATOM   283 C  "C5'" . DT  B 1 5  ? 6.005   -2.257  0.922   1.00 48.94 ? 15 DT  B "C5'" 1 
ATOM   284 C  "C4'" . DT  B 1 5  ? 5.712   -2.313  2.403   1.00 41.19 ? 15 DT  B "C4'" 1 
ATOM   285 O  "O4'" . DT  B 1 5  ? 4.778   -1.250  2.674   1.00 43.11 ? 15 DT  B "O4'" 1 
ATOM   286 C  "C3'" . DT  B 1 5  ? 5.027   -3.604  2.838   1.00 39.85 ? 15 DT  B "C3'" 1 
ATOM   287 O  "O3'" . DT  B 1 5  ? 5.461   -4.024  4.136   1.00 45.48 ? 15 DT  B "O3'" 1 
ATOM   288 C  "C2'" . DT  B 1 5  ? 3.548   -3.258  2.885   1.00 40.19 ? 15 DT  B "C2'" 1 
ATOM   289 C  "C1'" . DT  B 1 5  ? 3.451   -1.751  2.699   1.00 40.54 ? 15 DT  B "C1'" 1 
ATOM   290 N  N1    . DT  B 1 5  ? 2.823   -1.430  1.402   1.00 35.74 ? 15 DT  B N1    1 
ATOM   291 C  C2    . DT  B 1 5  ? 2.157   -0.200  1.183   1.00 30.94 ? 15 DT  B C2    1 
ATOM   292 O  O2    . DT  B 1 5  ? 2.053   0.622   2.075   1.00 26.76 ? 15 DT  B O2    1 
ATOM   293 N  N3    . DT  B 1 5  ? 1.581   0.026   -0.113  1.00 29.70 ? 15 DT  B N3    1 
ATOM   294 C  C4    . DT  B 1 5  ? 1.609   -0.803  -1.251  1.00 27.11 ? 15 DT  B C4    1 
ATOM   295 O  O4    . DT  B 1 5  ? 1.136   -0.423  -2.298  1.00 34.88 ? 15 DT  B O4    1 
ATOM   296 C  C5    . DT  B 1 5  ? 2.324   -2.074  -0.980  1.00 34.12 ? 15 DT  B C5    1 
ATOM   297 C  C7    . DT  B 1 5  ? 3.464   -2.139  -1.942  1.00 28.28 ? 15 DT  B C7    1 
ATOM   298 C  C6    . DT  B 1 5  ? 2.881   -2.403  0.361   1.00 35.90 ? 15 DT  B C6    1 
ATOM   299 P  P     . DA  B 1 6  ? 5.307   -5.570  4.564   1.00 41.30 ? 16 DA  B P     1 
ATOM   300 O  OP1   . DA  B 1 6  ? 6.406   -5.802  5.529   1.00 44.98 ? 16 DA  B OP1   1 
ATOM   301 O  OP2   . DA  B 1 6  ? 5.187   -6.425  3.361   1.00 42.52 ? 16 DA  B OP2   1 
ATOM   302 O  "O5'" . DA  B 1 6  ? 3.904   -5.631  5.300   1.00 35.34 ? 16 DA  B "O5'" 1 
ATOM   303 C  "C5'" . DA  B 1 6  ? 3.643   -4.812  6.439   1.00 34.59 ? 16 DA  B "C5'" 1 
ATOM   304 C  "C4'" . DA  B 1 6  ? 2.412   -5.321  7.146   1.00 34.23 ? 16 DA  B "C4'" 1 
ATOM   305 O  "O4'" . DA  B 1 6  ? 1.253   -5.031  6.334   1.00 34.04 ? 16 DA  B "O4'" 1 
ATOM   306 C  "C3'" . DA  B 1 6  ? 2.458   -6.844  7.285   1.00 33.97 ? 16 DA  B "C3'" 1 
ATOM   307 O  "O3'" . DA  B 1 6  ? 1.838   -7.202  8.521   1.00 32.46 ? 16 DA  B "O3'" 1 
ATOM   308 C  "C2'" . DA  B 1 6  ? 1.595   -7.327  6.135   1.00 31.06 ? 16 DA  B "C2'" 1 
ATOM   309 C  "C1'" . DA  B 1 6  ? 0.552   -6.233  6.075   1.00 31.44 ? 16 DA  B "C1'" 1 
ATOM   310 N  N9    . DA  B 1 6  ? -0.103  -6.091  4.788   1.00 31.92 ? 16 DA  B N9    1 
ATOM   311 C  C8    . DA  B 1 6  ? 0.299   -6.557  3.561   1.00 32.49 ? 16 DA  B C8    1 
ATOM   312 N  N7    . DA  B 1 6  ? -0.516  -6.238  2.586   1.00 34.24 ? 16 DA  B N7    1 
ATOM   313 C  C5    . DA  B 1 6  ? -1.523  -5.513  3.214   1.00 31.98 ? 16 DA  B C5    1 
ATOM   314 C  C6    . DA  B 1 6  ? -2.688  -4.890  2.732   1.00 33.95 ? 16 DA  B C6    1 
ATOM   315 N  N6    . DA  B 1 6  ? -3.048  -4.881  1.442   1.00 33.61 ? 16 DA  B N6    1 
ATOM   316 N  N1    . DA  B 1 6  ? -3.475  -4.257  3.632   1.00 36.80 ? 16 DA  B N1    1 
ATOM   317 C  C2    . DA  B 1 6  ? -3.104  -4.253  4.925   1.00 24.41 ? 16 DA  B C2    1 
ATOM   318 N  N3    . DA  B 1 6  ? -2.037  -4.798  5.494   1.00 27.18 ? 16 DA  B N3    1 
ATOM   319 C  C4    . DA  B 1 6  ? -1.279  -5.421  4.574   1.00 29.28 ? 16 DA  B C4    1 
ATOM   320 P  P     . DG  B 1 7  ? 2.713   -7.864  9.692   1.00 25.00 ? 17 DG  B P     1 
ATOM   321 O  OP1   . DG  B 1 7  ? 3.952   -7.089  9.882   1.00 26.56 ? 17 DG  B OP1   1 
ATOM   322 O  OP2   . DG  B 1 7  ? 2.791   -9.326  9.424   1.00 27.54 ? 17 DG  B OP2   1 
ATOM   323 O  "O5'" . DG  B 1 7  ? 1.799   -7.618  10.965  1.00 27.41 ? 17 DG  B "O5'" 1 
ATOM   324 C  "C5'" . DG  B 1 7  ? 1.482   -6.290  11.380  1.00 24.39 ? 17 DG  B "C5'" 1 
ATOM   325 C  "C4'" . DG  B 1 7  ? 0.018   -6.190  11.746  1.00 25.72 ? 17 DG  B "C4'" 1 
ATOM   326 O  "O4'" . DG  B 1 7  ? -0.808  -6.257  10.567  1.00 30.98 ? 17 DG  B "O4'" 1 
ATOM   327 C  "C3'" . DG  B 1 7  ? -0.525  -7.247  12.698  1.00 26.65 ? 17 DG  B "C3'" 1 
ATOM   328 O  "O3'" . DG  B 1 7  ? -1.523  -6.570  13.479  1.00 33.46 ? 17 DG  B "O3'" 1 
ATOM   329 C  "C2'" . DG  B 1 7  ? -1.151  -8.264  11.759  1.00 26.27 ? 17 DG  B "C2'" 1 
ATOM   330 C  "C1'" . DG  B 1 7  ? -1.643  -7.413  10.596  1.00 31.91 ? 17 DG  B "C1'" 1 
ATOM   331 N  N9    . DG  B 1 7  ? -1.552  -8.044  9.280   1.00 26.48 ? 17 DG  B N9    1 
ATOM   332 C  C8    . DG  B 1 7  ? -0.600  -8.939  8.863   1.00 23.70 ? 17 DG  B C8    1 
ATOM   333 N  N7    . DG  B 1 7  ? -0.717  -9.268  7.614   1.00 21.57 ? 17 DG  B N7    1 
ATOM   334 C  C5    . DG  B 1 7  ? -1.822  -8.552  7.172   1.00 27.04 ? 17 DG  B C5    1 
ATOM   335 C  C6    . DG  B 1 7  ? -2.433  -8.500  5.889   1.00 25.87 ? 17 DG  B C6    1 
ATOM   336 O  O6    . DG  B 1 7  ? -2.082  -9.058  4.847   1.00 27.86 ? 17 DG  B O6    1 
ATOM   337 N  N1    . DG  B 1 7  ? -3.545  -7.667  5.883   1.00 24.09 ? 17 DG  B N1    1 
ATOM   338 C  C2    . DG  B 1 7  ? -4.002  -6.959  6.964   1.00 24.05 ? 17 DG  B C2    1 
ATOM   339 N  N2    . DG  B 1 7  ? -5.093  -6.214  6.752   1.00 24.46 ? 17 DG  B N2    1 
ATOM   340 N  N3    . DG  B 1 7  ? -3.433  -6.982  8.162   1.00 26.46 ? 17 DG  B N3    1 
ATOM   341 C  C4    . DG  B 1 7  ? -2.359  -7.804  8.194   1.00 25.48 ? 17 DG  B C4    1 
ATOM   342 P  P     . DC  B 1 8  ? -2.346  -7.356  14.616  1.00 37.41 ? 18 DC  B P     1 
ATOM   343 O  OP1   . DC  B 1 8  ? -2.624  -6.386  15.691  1.00 37.59 ? 18 DC  B OP1   1 
ATOM   344 O  OP2   . DC  B 1 8  ? -1.637  -8.625  14.922  1.00 43.42 ? 18 DC  B OP2   1 
ATOM   345 O  "O5'" . DC  B 1 8  ? -3.745  -7.714  13.944  1.00 37.20 ? 18 DC  B "O5'" 1 
ATOM   346 C  "C5'" . DC  B 1 8  ? -4.612  -6.681  13.428  1.00 36.73 ? 18 DC  B "C5'" 1 
ATOM   347 C  "C4'" . DC  B 1 8  ? -5.772  -7.294  12.676  1.00 32.21 ? 18 DC  B "C4'" 1 
ATOM   348 O  "O4'" . DC  B 1 8  ? -5.338  -7.815  11.399  1.00 32.67 ? 18 DC  B "O4'" 1 
ATOM   349 C  "C3'" . DC  B 1 8  ? -6.418  -8.471  13.413  1.00 33.14 ? 18 DC  B "C3'" 1 
ATOM   350 O  "O3'" . DC  B 1 8  ? -7.819  -8.415  13.199  1.00 37.39 ? 18 DC  B "O3'" 1 
ATOM   351 C  "C2'" . DC  B 1 8  ? -5.894  -9.685  12.676  1.00 28.34 ? 18 DC  B "C2'" 1 
ATOM   352 C  "C1'" . DC  B 1 8  ? -5.810  -9.146  11.264  1.00 29.79 ? 18 DC  B "C1'" 1 
ATOM   353 N  N1    . DC  B 1 8  ? -4.873  -9.885  10.412  1.00 30.84 ? 18 DC  B N1    1 
ATOM   354 C  C2    . DC  B 1 8  ? -5.141  -9.993  9.041   1.00 24.64 ? 18 DC  B C2    1 
ATOM   355 O  O2    . DC  B 1 8  ? -6.147  -9.430  8.578   1.00 23.69 ? 18 DC  B O2    1 
ATOM   356 N  N3    . DC  B 1 8  ? -4.295  -10.702 8.262   1.00 24.89 ? 18 DC  B N3    1 
ATOM   357 C  C4    . DC  B 1 8  ? -3.218  -11.284 8.806   1.00 22.71 ? 18 DC  B C4    1 
ATOM   358 N  N4    . DC  B 1 8  ? -2.413  -11.994 8.015   1.00 27.29 ? 18 DC  B N4    1 
ATOM   359 C  C5    . DC  B 1 8  ? -2.920  -11.171 10.190  1.00 21.19 ? 18 DC  B C5    1 
ATOM   360 C  C6    . DC  B 1 8  ? -3.762  -10.470 10.949  1.00 24.92 ? 18 DC  B C6    1 
ATOM   361 P  P     . DG  B 1 9  ? -8.749  -7.748  14.311  1.00 38.57 ? 19 DG  B P     1 
ATOM   362 O  OP1   . DG  B 1 9  ? -8.289  -6.336  14.434  1.00 43.16 ? 19 DG  B OP1   1 
ATOM   363 O  OP2   . DG  B 1 9  ? -8.735  -8.638  15.504  1.00 37.70 ? 19 DG  B OP2   1 
ATOM   364 O  "O5'" . DG  B 1 9  ? -10.189 -7.743  13.629  1.00 44.92 ? 19 DG  B "O5'" 1 
ATOM   365 C  "C5'" . DG  B 1 9  ? -10.505 -6.808  12.574  1.00 46.23 ? 19 DG  B "C5'" 1 
ATOM   366 C  "C4'" . DG  B 1 9  ? -11.381 -7.459  11.527  1.00 44.23 ? 19 DG  B "C4'" 1 
ATOM   367 O  "O4'" . DG  B 1 9  ? -10.624 -8.448  10.800  1.00 42.08 ? 19 DG  B "O4'" 1 
ATOM   368 C  "C3'" . DG  B 1 9  ? -12.603 -8.190  12.068  1.00 48.33 ? 19 DG  B "C3'" 1 
ATOM   369 O  "O3'" . DG  B 1 9  ? -13.606 -8.129  11.045  1.00 58.87 ? 19 DG  B "O3'" 1 
ATOM   370 C  "C2'" . DG  B 1 9  ? -12.098 -9.612  12.212  1.00 39.80 ? 19 DG  B "C2'" 1 
ATOM   371 C  "C1'" . DG  B 1 9  ? -11.153 -9.749  11.030  1.00 34.99 ? 19 DG  B "C1'" 1 
ATOM   372 N  N9    . DG  B 1 9  ? -10.023 -10.646 11.254  1.00 28.60 ? 19 DG  B N9    1 
ATOM   373 C  C8    . DG  B 1 9  ? -9.494  -11.028 12.458  1.00 33.33 ? 19 DG  B C8    1 
ATOM   374 N  N7    . DG  B 1 9  ? -8.435  -11.782 12.336  1.00 34.66 ? 19 DG  B N7    1 
ATOM   375 C  C5    . DG  B 1 9  ? -8.267  -11.920 10.968  1.00 25.62 ? 19 DG  B C5    1 
ATOM   376 C  C6    . DG  B 1 9  ? -7.289  -12.631 10.230  1.00 27.13 ? 19 DG  B C6    1 
ATOM   377 O  O6    . DG  B 1 9  ? -6.335  -13.290 10.650  1.00 23.93 ? 19 DG  B O6    1 
ATOM   378 N  N1    . DG  B 1 9  ? -7.491  -12.510 8.864   1.00 27.00 ? 19 DG  B N1    1 
ATOM   379 C  C2    . DG  B 1 9  ? -8.507  -11.800 8.279   1.00 29.64 ? 19 DG  B C2    1 
ATOM   380 N  N2    . DG  B 1 9  ? -8.542  -11.818 6.939   1.00 33.00 ? 19 DG  B N2    1 
ATOM   381 N  N3    . DG  B 1 9  ? -9.425  -11.129 8.953   1.00 30.92 ? 19 DG  B N3    1 
ATOM   382 C  C4    . DG  B 1 9  ? -9.246  -11.234 10.286  1.00 31.12 ? 19 DG  B C4    1 
ATOM   383 P  P     . DG  B 1 10 ? -15.086 -8.691  11.329  1.00 62.29 ? 20 DG  B P     1 
ATOM   384 O  OP1   . DG  B 1 10 ? -15.915 -7.490  11.605  1.00 62.79 ? 20 DG  B OP1   1 
ATOM   385 O  OP2   . DG  B 1 10 ? -15.048 -9.806  12.330  1.00 58.55 ? 20 DG  B OP2   1 
ATOM   386 O  "O5'" . DG  B 1 10 ? -15.510 -9.288  9.911   1.00 58.90 ? 20 DG  B "O5'" 1 
ATOM   387 C  "C5'" . DG  B 1 10 ? -14.909 -8.790  8.690   1.00 58.38 ? 20 DG  B "C5'" 1 
ATOM   388 C  "C4'" . DG  B 1 10 ? -14.822 -9.889  7.654   1.00 58.95 ? 20 DG  B "C4'" 1 
ATOM   389 O  "O4'" . DG  B 1 10 ? -13.792 -10.845 7.994   1.00 53.34 ? 20 DG  B "O4'" 1 
ATOM   390 C  "C3'" . DG  B 1 10 ? -16.109 -10.700 7.549   1.00 63.51 ? 20 DG  B "C3'" 1 
ATOM   391 O  "O3'" . DG  B 1 10 ? -16.086 -11.258 6.224   1.00 64.05 ? 20 DG  B "O3'" 1 
ATOM   392 C  "C2'" . DG  B 1 10 ? -15.872 -11.795 8.572   1.00 56.95 ? 20 DG  B "C2'" 1 
ATOM   393 C  "C1'" . DG  B 1 10 ? -14.392 -12.087 8.363   1.00 50.02 ? 20 DG  B "C1'" 1 
ATOM   394 N  N9    . DG  B 1 10 ? -13.659 -12.615 9.513   1.00 44.62 ? 20 DG  B N9    1 
ATOM   395 C  C8    . DG  B 1 10 ? -13.925 -12.444 10.857  1.00 39.23 ? 20 DG  B C8    1 
ATOM   396 N  N7    . DG  B 1 10 ? -13.019 -12.987 11.630  1.00 36.25 ? 20 DG  B N7    1 
ATOM   397 C  C5    . DG  B 1 10 ? -12.110 -13.561 10.744  1.00 32.87 ? 20 DG  B C5    1 
ATOM   398 C  C6    . DG  B 1 10 ? -10.897 -14.298 10.984  1.00 33.52 ? 20 DG  B C6    1 
ATOM   399 O  O6    . DG  B 1 10 ? -10.340 -14.566 12.062  1.00 32.78 ? 20 DG  B O6    1 
ATOM   400 N  N1    . DG  B 1 10 ? -10.306 -14.706 9.795   1.00 29.69 ? 20 DG  B N1    1 
ATOM   401 C  C2    . DG  B 1 10 ? -10.795 -14.439 8.539   1.00 30.73 ? 20 DG  B C2    1 
ATOM   402 N  N2    . DG  B 1 10 ? -10.094 -14.935 7.517   1.00 32.64 ? 20 DG  B N2    1 
ATOM   403 N  N3    . DG  B 1 10 ? -11.897 -13.749 8.301   1.00 33.76 ? 20 DG  B N3    1 
ATOM   404 C  C4    . DG  B 1 10 ? -12.502 -13.352 9.439   1.00 35.42 ? 20 DG  B C4    1 
HETATM 405 O  O1    . PSO C 2 .  ? -3.360  -0.114  1.366   1.00 28.72 ? 21 PSO A O1    1 
HETATM 406 C  C2    . PSO C 2 .  ? -4.200  0.527   0.649   1.00 30.45 ? 21 PSO A C2    1 
HETATM 407 C  C3    . PSO C 2 .  ? -4.291  0.414   -0.880  1.00 37.35 ? 21 PSO A C3    1 
HETATM 408 C  C4    . PSO C 2 .  ? -3.365  -0.598  -1.449  1.00 33.14 ? 21 PSO A C4    1 
HETATM 409 C  C5    . PSO C 2 .  ? -1.397  -1.898  -1.074  1.00 33.35 ? 21 PSO A C5    1 
HETATM 410 C  C6    . PSO C 2 .  ? -0.383  -2.341  -0.272  1.00 31.20 ? 21 PSO A C6    1 
HETATM 411 C  C7    . PSO C 2 .  ? -0.441  -2.179  1.074   1.00 31.48 ? 21 PSO A C7    1 
HETATM 412 C  C8    . PSO C 2 .  ? -1.508  -1.484  1.649   1.00 29.93 ? 21 PSO A C8    1 
HETATM 413 C  C9    . PSO C 2 .  ? -2.496  -0.883  0.821   1.00 27.39 ? 21 PSO A C9    1 
HETATM 414 C  C10   . PSO C 2 .  ? -2.435  -1.140  -0.525  1.00 30.10 ? 21 PSO A C10   1 
HETATM 415 C  "C4'" . PSO C 2 .  ? 1.003   -2.819  -0.638  1.00 32.81 ? 21 PSO A "C4'" 1 
HETATM 416 C  "C5'" . PSO C 2 .  ? 1.577   -3.220  0.717   1.00 35.59 ? 21 PSO A "C5'" 1 
HETATM 417 O  "O6'" . PSO C 2 .  ? 0.625   -2.738  1.714   1.00 36.33 ? 21 PSO A "O6'" 1 
HETATM 418 O  O11   . PSO C 2 .  ? -4.955  1.283   1.225   1.00 39.23 ? 21 PSO A O11   1 
HETATM 419 C  C12   . PSO C 2 .  ? -2.655  -0.006  -2.626  1.00 40.86 ? 21 PSO A C12   1 
HETATM 420 C  C13   . PSO C 2 .  ? 0.946   -3.958  -1.697  1.00 31.64 ? 21 PSO A C13   1 
HETATM 421 O  O14   . PSO C 2 .  ? -0.272  -4.661  -1.811  1.00 42.56 ? 21 PSO A O14   1 
HETATM 422 C  C15   . PSO C 2 .  ? 1.796   -4.700  0.729   1.00 36.15 ? 21 PSO A C15   1 
HETATM 423 C  C16   . PSO C 2 .  ? -1.526  -1.367  3.141   1.00 25.66 ? 21 PSO A C16   1 
HETATM 424 CA CA    . CA  D 3 .  ? 2.887   -11.359 8.583   1.00 37.22 ? 22 CA  B CA    1 
HETATM 425 O  O     . HOH E 4 .  ? 11.765  8.802   -1.647  1.00 44.01 ? 24 HOH A O     1 
HETATM 426 O  O     . HOH E 4 .  ? -3.050  6.154   -3.367  1.00 49.75 ? 25 HOH A O     1 
HETATM 427 O  O     . HOH E 4 .  ? 1.877   12.849  4.499   1.00 47.77 ? 26 HOH A O     1 
HETATM 428 O  O     . HOH E 4 .  ? 6.953   10.520  7.393   1.00 29.56 ? 31 HOH A O     1 
HETATM 429 O  O     . HOH E 4 .  ? 1.127   5.044   4.512   1.00 40.69 ? 34 HOH A O     1 
HETATM 430 O  O     . HOH E 4 .  ? -1.066  0.697   -10.421 1.00 48.85 ? 35 HOH A O     1 
HETATM 431 O  O     . HOH E 4 .  ? -0.398  10.501  1.034   1.00 44.03 ? 36 HOH A O     1 
HETATM 432 O  O     . HOH E 4 .  ? -1.191  0.730   -5.835  1.00 58.64 ? 37 HOH A O     1 
HETATM 433 O  O     . HOH E 4 .  ? -5.796  -3.223  2.700   1.00 24.97 ? 39 HOH A O     1 
HETATM 434 O  O     . HOH E 4 .  ? -3.445  -1.082  -10.673 1.00 46.64 ? 41 HOH A O     1 
HETATM 435 O  O     . HOH E 4 .  ? 1.361   -3.534  -5.474  1.00 45.44 ? 44 HOH A O     1 
HETATM 436 O  O     . HOH F 4 .  ? 9.867   4.977   0.702   1.00 42.86 ? 23 HOH B O     1 
HETATM 437 O  O     . HOH F 4 .  ? 1.741   -2.564  14.220  1.00 50.88 ? 27 HOH B O     1 
HETATM 438 O  O     . HOH F 4 .  ? 6.183   -8.545  9.919   1.00 54.71 ? 28 HOH B O     1 
HETATM 439 O  O     . HOH F 4 .  ? 4.258   -4.951  10.472  1.00 66.28 ? 29 HOH B O     1 
HETATM 440 O  O     . HOH F 4 .  ? 3.338   -8.125  2.884   1.00 70.51 ? 30 HOH B O     1 
HETATM 441 O  O     . HOH F 4 .  ? 2.040   0.247   4.740   1.00 50.51 ? 32 HOH B O     1 
HETATM 442 O  O     . HOH F 4 .  ? 5.150   2.476   2.531   1.00 66.62 ? 33 HOH B O     1 
HETATM 443 O  O     . HOH F 4 .  ? 5.198   16.670  -10.643 1.00 49.40 ? 38 HOH B O     1 
HETATM 444 O  O     . HOH F 4 .  ? -8.250  -7.814  8.927   1.00 48.31 ? 40 HOH B O     1 
HETATM 445 O  O     . HOH F 4 .  ? -0.207  -10.147 4.011   1.00 38.66 ? 42 HOH B O     1 
HETATM 446 O  O     . HOH F 4 .  ? 0.404   7.893   -2.926  1.00 37.98 ? 43 HOH B O     1 
HETATM 447 O  O     . HOH F 4 .  ? 5.061   -11.164 9.890   1.00 39.71 ? 45 HOH B O     1 
HETATM 448 O  O     . HOH F 4 .  ? 4.047   -10.294 6.642   1.00 59.66 ? 46 HOH B O     1 
HETATM 449 O  O     . HOH F 4 .  ? 3.386   -13.312 7.454   1.00 84.60 ? 47 HOH B O     1 
HETATM 450 O  O     . HOH F 4 .  ? 1.097   -11.120 7.069   1.00 35.22 ? 48 HOH B O     1 
# 
